data_4CVU
#
_entry.id   4CVU
#
_cell.length_a   166.456
_cell.length_b   166.456
_cell.length_c   121.452
_cell.angle_alpha   90.00
_cell.angle_beta   90.00
_cell.angle_gamma   90.00
#
_symmetry.space_group_name_H-M   'P 41 21 2'
#
loop_
_entity.id
_entity.type
_entity.pdbx_description
1 polymer BETA-MANNOSIDASE
2 branched beta-D-mannopyranose-(1-4)-2-acetamido-2-deoxy-beta-D-glucopyranose-(1-4)-2-acetamido-2-deoxy-beta-D-glucopyranose
3 branched alpha-D-mannopyranose-(1-2)-alpha-D-mannopyranose-(1-6)-alpha-D-mannopyranose-(1-6)-[alpha-D-mannopyranose-(1-2)-alpha-D-mannopyranose-(1-3)]beta-D-mannopyranose-(1-4)-2-acetamido-2-deoxy-beta-D-glucopyranose-(1-4)-2-acetamido-2-deoxy-beta-D-glucopyranose
4 branched alpha-D-mannopyranose-(1-2)-alpha-D-mannopyranose-(1-3)-[alpha-D-mannopyranose-(2-6)]beta-D-mannopyranose-(1-4)-2-acetamido-2-deoxy-beta-D-glucopyranose-(1-4)-2-acetamido-2-deoxy-beta-D-glucopyranose
5 branched alpha-D-mannopyranose-(1-2)-alpha-D-mannopyranose-(1-2)-alpha-D-mannopyranose-(1-3)-[alpha-D-mannopyranose-(1-2)-alpha-D-mannopyranose-(1-3)-[alpha-D-mannopyranose-(1-2)-alpha-D-mannopyranose-(1-6)]alpha-D-mannopyranose-(1-6)]beta-D-mannopyranose-(1-4)-2-acetamido-2-deoxy-beta-D-glucopyranose-(1-4)-2-acetamido-2-deoxy-beta-D-glucopyranose
6 non-polymer 2-acetamido-2-deoxy-beta-D-glucopyranose
7 non-polymer 'CADMIUM ION'
8 non-polymer 'SODIUM ION'
9 non-polymer 'TETRAETHYLENE GLYCOL'
10 non-polymer DI(HYDROXYETHYL)ETHER
11 non-polymer 'CALCIUM ION'
12 non-polymer 'CHLORIDE ION'
13 water water
#
_entity_poly.entity_id   1
_entity_poly.type   'polypeptide(L)'
_entity_poly.pdbx_seq_one_letter_code
;MRSMRALSLSLSIFAGAAVATTESTGKASIHDLALQKWTVTNEYGNITVPGKFPSQAHLDLHAAGVIGESNNGLNDFDLR
WIAAQNWTYTSKPISGLSKHSDIATWLVFDGLDTYATVKFCDHIVGTPDNQFRQWFYDVSSALASCKSDPVLSINFGSVP
RIINAINASDEVQHWPASVVYPFEYPNRQWVRKEQNDFGWDWGPAFSPVGPWQPGRIVQLSKGGELYSLNTDIDIFRKGQ
FNNFAPDQTAPWVVNASLDFLGTLPKHASMSVIITDASDSRSVLYSGKLEGVTQSDMTVTGSVTIDAHKPKLWWPRDMGN
QQLYNITVSVSSAGSKTPILVSQRRVGFRTILFSSGNITDAQIASGITPGNNWHFEINGHEFYAKGANLIPPDAFWPRVT
SDRMNRLFDSVESQNFNMLRVWSSGTYLPDWIYDIADERGVLLWSEFQFSDTLYPDSDDFKANVVGEITYNVRRLNHHAS
LACWMGGNEFENLMLPIAQGADPATYPYVLGQYENLFITTLFNVLAANSHSISYSPCSANNGWLEIDLDLPVPIVERYYN
TTSGHIYGDTDFYNYDTSVSFDTSAYPVGRFANEFGFISMPSIQTWQQAVDPEELSFNSTTVILRNHHYPAGGLTRNIHN
STLGQVEMTLAVERYYPTPDKTDPVANFSSWCHATQLFQADMYKSEIQFYRRGSGLPERQLGSLYWQLNDIWQAPTWAGL
EYDGRWKVLPYVSRRTYEHVIASAFWNYTANELEIWVTSDLWEPVAGEVSLTWVDLKGKPIANNAGMTKSTKFNVGAINT
TQIITANIQSDLKIPDTSDAVLVIELTAHGKLPNAASSKTTTFTHHNHFLPVWPNQAKVSDPKLHLSYNKSTKKFTVEAT
AGVSLYTWLTHPAGVLGFFDDNAFVLRPGEKKEVGFTLQQDTTGGKWTEQVTVESLWDLTTP
;
_entity_poly.pdbx_strand_id   A
#
loop_
_chem_comp.id
_chem_comp.type
_chem_comp.name
_chem_comp.formula
BMA D-saccharide, beta linking beta-D-mannopyranose 'C6 H12 O6'
CA non-polymer 'CALCIUM ION' 'Ca 2'
CD non-polymer 'CADMIUM ION' 'Cd 2'
CL non-polymer 'CHLORIDE ION' 'Cl -1'
MAN D-saccharide, alpha linking alpha-D-mannopyranose 'C6 H12 O6'
NA non-polymer 'SODIUM ION' 'Na 1'
NAG D-saccharide, beta linking 2-acetamido-2-deoxy-beta-D-glucopyranose 'C8 H15 N O6'
PEG non-polymer DI(HYDROXYETHYL)ETHER 'C4 H10 O3'
PG4 non-polymer 'TETRAETHYLENE GLYCOL' 'C8 H18 O5'
#
# COMPACT_ATOMS: atom_id res chain seq x y z
N GLY A 26 17.69 33.42 -22.83
CA GLY A 26 18.55 32.23 -22.57
C GLY A 26 17.84 31.08 -21.84
N LYS A 27 16.62 30.80 -22.26
CA LYS A 27 15.82 29.76 -21.62
C LYS A 27 16.38 28.35 -21.87
N ALA A 28 16.07 27.45 -20.95
CA ALA A 28 16.50 26.06 -21.05
C ALA A 28 15.73 25.40 -22.18
N SER A 29 16.44 24.72 -23.07
CA SER A 29 15.83 24.01 -24.20
C SER A 29 15.68 22.51 -23.84
N ILE A 30 14.45 22.01 -23.86
CA ILE A 30 14.17 20.64 -23.45
C ILE A 30 13.50 19.81 -24.54
N HIS A 31 14.14 18.69 -24.90
CA HIS A 31 13.53 17.63 -25.71
C HIS A 31 13.05 16.44 -24.83
N ASP A 32 11.75 16.26 -24.72
CA ASP A 32 11.16 15.15 -24.00
C ASP A 32 11.46 13.88 -24.79
N LEU A 33 12.10 12.90 -24.14
CA LEU A 33 12.41 11.64 -24.82
C LEU A 33 11.18 10.84 -25.28
N ALA A 34 10.01 11.16 -24.72
CA ALA A 34 8.77 10.54 -25.15
C ALA A 34 8.39 10.89 -26.58
N LEU A 35 8.79 12.06 -27.04
CA LEU A 35 8.41 12.54 -28.38
C LEU A 35 9.42 12.11 -29.41
N GLN A 36 10.51 11.46 -28.97
CA GLN A 36 11.50 10.92 -29.89
C GLN A 36 11.03 9.55 -30.35
N LYS A 37 11.67 9.02 -31.37
CA LYS A 37 11.23 7.80 -31.99
C LYS A 37 12.16 6.62 -31.60
N TRP A 38 11.59 5.60 -30.98
CA TRP A 38 12.36 4.47 -30.40
C TRP A 38 12.15 3.12 -31.10
N THR A 39 13.23 2.35 -31.21
CA THR A 39 13.21 0.98 -31.66
C THR A 39 13.83 0.09 -30.61
N VAL A 40 13.25 -1.08 -30.39
CA VAL A 40 13.76 -2.02 -29.39
C VAL A 40 14.29 -3.26 -30.08
N THR A 41 15.52 -3.65 -29.73
CA THR A 41 16.16 -4.83 -30.30
C THR A 41 16.64 -5.74 -29.18
N ASN A 42 16.64 -7.05 -29.44
CA ASN A 42 17.08 -8.01 -28.46
C ASN A 42 18.59 -8.17 -28.50
N GLU A 43 19.10 -9.17 -27.80
CA GLU A 43 20.54 -9.41 -27.75
C GLU A 43 21.09 -10.13 -28.98
N TYR A 44 20.30 -11.01 -29.59
CA TYR A 44 20.79 -11.88 -30.63
C TYR A 44 20.50 -11.38 -32.06
N GLY A 45 20.15 -10.12 -32.22
CA GLY A 45 19.97 -9.54 -33.55
C GLY A 45 18.75 -9.99 -34.37
N ASN A 46 17.84 -10.75 -33.76
CA ASN A 46 16.72 -11.34 -34.50
C ASN A 46 15.32 -10.90 -34.08
N ILE A 47 15.23 -9.94 -33.16
CA ILE A 47 13.96 -9.35 -32.75
C ILE A 47 14.07 -7.83 -32.77
N THR A 48 13.24 -7.20 -33.61
CA THR A 48 13.19 -5.74 -33.71
C THR A 48 11.74 -5.27 -33.74
N VAL A 49 11.36 -4.43 -32.78
CA VAL A 49 9.98 -3.93 -32.70
C VAL A 49 9.98 -2.44 -32.37
N PRO A 50 8.87 -1.73 -32.68
CA PRO A 50 8.76 -0.33 -32.26
C PRO A 50 8.82 -0.18 -30.73
N GLY A 51 9.48 0.87 -30.27
CA GLY A 51 9.69 1.13 -28.83
C GLY A 51 8.88 2.30 -28.34
N LYS A 52 8.73 2.41 -27.03
CA LYS A 52 8.09 3.56 -26.41
C LYS A 52 8.94 3.99 -25.22
N PHE A 53 8.84 5.28 -24.89
CA PHE A 53 9.57 5.86 -23.75
C PHE A 53 8.57 6.77 -23.04
N PRO A 54 8.28 6.49 -21.77
CA PRO A 54 8.72 5.37 -20.93
C PRO A 54 8.05 4.01 -21.26
N SER A 55 8.79 2.93 -21.10
CA SER A 55 8.27 1.58 -21.22
C SER A 55 9.23 0.53 -20.63
N GLN A 56 8.85 -0.73 -20.77
CA GLN A 56 9.74 -1.85 -20.56
C GLN A 56 9.55 -2.85 -21.69
N ALA A 57 10.56 -3.67 -21.95
CA ALA A 57 10.57 -4.52 -23.13
C ALA A 57 9.39 -5.49 -23.27
N HIS A 58 8.95 -6.11 -22.17
CA HIS A 58 7.72 -6.95 -22.20
C HIS A 58 6.56 -6.18 -22.82
N LEU A 59 6.40 -4.91 -22.44
CA LEU A 59 5.25 -4.16 -22.93
C LEU A 59 5.38 -3.84 -24.43
N ASP A 60 6.58 -3.54 -24.90
CA ASP A 60 6.77 -3.18 -26.32
C ASP A 60 6.68 -4.42 -27.22
N LEU A 61 7.20 -5.56 -26.71
CA LEU A 61 7.01 -6.87 -27.33
C LEU A 61 5.53 -7.31 -27.44
N HIS A 62 4.76 -7.11 -26.37
CA HIS A 62 3.34 -7.41 -26.39
C HIS A 62 2.62 -6.50 -27.39
N ALA A 63 2.92 -5.20 -27.36
CA ALA A 63 2.29 -4.24 -28.29
C ALA A 63 2.48 -4.63 -29.76
N ALA A 64 3.67 -5.14 -30.10
CA ALA A 64 3.97 -5.57 -31.49
C ALA A 64 3.42 -6.97 -31.87
N GLY A 65 2.86 -7.68 -30.92
CA GLY A 65 2.26 -8.99 -31.20
C GLY A 65 3.24 -10.15 -31.14
N VAL A 66 4.43 -9.88 -30.60
CA VAL A 66 5.45 -10.93 -30.45
C VAL A 66 5.07 -11.84 -29.27
N ILE A 67 4.48 -11.26 -28.24
CA ILE A 67 3.97 -12.06 -27.14
C ILE A 67 2.52 -11.68 -26.80
N GLY A 68 1.86 -12.58 -26.06
CA GLY A 68 0.56 -12.28 -25.51
C GLY A 68 0.69 -11.56 -24.17
N GLU A 69 -0.44 -11.19 -23.61
CA GLU A 69 -0.46 -10.39 -22.43
C GLU A 69 0.39 -11.15 -21.47
N SER A 70 1.35 -10.45 -20.87
CA SER A 70 2.25 -11.14 -19.97
C SER A 70 1.54 -11.84 -18.81
N ASN A 71 0.45 -11.28 -18.25
CA ASN A 71 -0.24 -11.93 -17.10
C ASN A 71 -0.92 -13.28 -17.40
N ASN A 72 -1.10 -13.60 -18.68
CA ASN A 72 -1.85 -14.80 -19.09
C ASN A 72 -1.20 -16.16 -18.87
N GLY A 73 -2.02 -17.15 -18.50
CA GLY A 73 -1.66 -18.56 -18.65
C GLY A 73 -0.44 -18.96 -17.82
N LEU A 74 0.56 -19.59 -18.46
CA LEU A 74 1.78 -19.97 -17.71
C LEU A 74 2.94 -19.14 -18.19
N ASN A 75 2.67 -17.88 -18.56
CA ASN A 75 3.69 -16.93 -19.04
C ASN A 75 4.78 -16.58 -18.07
N ASP A 76 4.55 -16.81 -16.78
CA ASP A 76 5.62 -16.61 -15.79
C ASP A 76 6.75 -17.56 -16.15
N PHE A 77 6.41 -18.72 -16.73
CA PHE A 77 7.41 -19.68 -17.17
C PHE A 77 7.82 -19.41 -18.61
N ASP A 78 6.83 -19.32 -19.47
CA ASP A 78 7.04 -19.30 -20.90
C ASP A 78 7.77 -18.05 -21.39
N LEU A 79 7.73 -16.96 -20.61
CA LEU A 79 8.36 -15.70 -21.03
C LEU A 79 9.79 -15.45 -20.49
N ARG A 80 10.38 -16.45 -19.83
CA ARG A 80 11.66 -16.26 -19.19
C ARG A 80 12.82 -15.99 -20.17
N TRP A 81 12.65 -16.36 -21.44
CA TRP A 81 13.62 -15.97 -22.46
C TRP A 81 13.83 -14.47 -22.57
N ILE A 82 12.88 -13.69 -22.06
CA ILE A 82 12.98 -12.24 -22.13
C ILE A 82 13.89 -11.74 -21.04
N ALA A 83 13.63 -12.10 -19.78
CA ALA A 83 14.50 -11.65 -18.68
C ALA A 83 15.95 -12.16 -18.85
N ALA A 84 16.13 -13.29 -19.50
CA ALA A 84 17.44 -13.88 -19.66
C ALA A 84 18.40 -13.17 -20.63
N GLN A 85 17.93 -12.17 -21.38
CA GLN A 85 18.78 -11.45 -22.34
C GLN A 85 18.72 -9.92 -22.28
N ASN A 86 19.67 -9.25 -22.93
CA ASN A 86 19.68 -7.79 -23.08
C ASN A 86 18.65 -7.22 -24.04
N TRP A 87 18.13 -6.05 -23.74
CA TRP A 87 17.26 -5.31 -24.63
C TRP A 87 17.78 -3.91 -24.79
N THR A 88 17.86 -3.43 -26.02
CA THR A 88 18.40 -2.12 -26.26
C THR A 88 17.34 -1.22 -26.86
N TYR A 89 17.16 -0.07 -26.21
CA TYR A 89 16.28 1.02 -26.69
C TYR A 89 17.13 2.01 -27.50
N THR A 90 16.82 2.18 -28.79
CA THR A 90 17.62 3.05 -29.67
C THR A 90 16.74 4.09 -30.32
N SER A 91 17.14 5.35 -30.24
CA SER A 91 16.43 6.45 -30.95
C SER A 91 16.83 6.57 -32.40
N LYS A 92 15.98 7.25 -33.15
CA LYS A 92 16.37 7.77 -34.44
C LYS A 92 17.27 8.96 -34.15
N PRO A 93 18.08 9.37 -35.14
CA PRO A 93 18.89 10.57 -34.97
C PRO A 93 18.06 11.73 -34.42
N ILE A 94 18.53 12.34 -33.32
CA ILE A 94 17.81 13.42 -32.63
C ILE A 94 18.10 14.75 -33.32
N SER A 95 17.06 15.43 -33.76
CA SER A 95 17.22 16.69 -34.48
C SER A 95 16.99 17.88 -33.54
N GLY A 96 17.38 19.07 -33.98
CA GLY A 96 17.09 20.31 -33.27
C GLY A 96 17.97 20.67 -32.06
N LEU A 97 19.08 19.98 -31.84
CA LEU A 97 20.00 20.37 -30.76
C LEU A 97 20.96 21.43 -31.31
N SER A 98 21.26 22.46 -30.52
CA SER A 98 22.28 23.44 -30.89
C SER A 98 23.67 22.83 -30.75
N LYS A 99 24.53 23.12 -31.72
CA LYS A 99 25.93 22.66 -31.69
C LYS A 99 26.92 23.76 -31.26
N HIS A 100 26.42 24.87 -30.73
CA HIS A 100 27.28 25.93 -30.20
C HIS A 100 27.93 25.45 -28.91
N SER A 101 29.24 25.68 -28.77
CA SER A 101 29.97 25.22 -27.57
C SER A 101 29.77 26.13 -26.33
N ASP A 102 29.03 27.23 -26.51
CA ASP A 102 28.49 28.05 -25.39
C ASP A 102 27.45 27.29 -24.55
N ILE A 103 27.13 26.05 -24.96
CA ILE A 103 25.95 25.33 -24.48
C ILE A 103 26.30 23.99 -23.82
N ALA A 104 25.65 23.70 -22.70
CA ALA A 104 25.83 22.42 -22.03
C ALA A 104 24.61 21.52 -22.33
N THR A 105 24.88 20.31 -22.80
CA THR A 105 23.82 19.36 -23.15
C THR A 105 23.84 18.20 -22.16
N TRP A 106 22.73 18.03 -21.44
CA TRP A 106 22.57 16.98 -20.44
C TRP A 106 21.50 15.95 -20.83
N LEU A 107 21.74 14.69 -20.47
CA LEU A 107 20.70 13.67 -20.43
C LEU A 107 20.20 13.61 -19.00
N VAL A 108 18.89 13.71 -18.83
CA VAL A 108 18.29 13.55 -17.50
C VAL A 108 17.29 12.40 -17.55
N PHE A 109 17.54 11.39 -16.73
CA PHE A 109 16.72 10.17 -16.67
C PHE A 109 16.08 10.02 -15.29
N ASP A 110 14.78 10.14 -15.22
CA ASP A 110 14.10 10.01 -13.94
C ASP A 110 14.01 8.53 -13.47
N GLY A 111 14.22 7.59 -14.39
CA GLY A 111 14.32 6.18 -13.99
C GLY A 111 14.68 5.24 -15.12
N LEU A 112 15.72 4.42 -14.89
CA LEU A 112 16.12 3.41 -15.83
C LEU A 112 16.20 2.09 -15.07
N ASP A 113 15.63 1.05 -15.64
CA ASP A 113 15.40 -0.21 -14.93
C ASP A 113 16.12 -1.31 -15.66
N THR A 114 17.23 -1.84 -15.14
CA THR A 114 18.06 -1.26 -14.07
C THR A 114 19.55 -1.05 -14.57
N TYR A 115 20.32 -2.13 -14.69
CA TYR A 115 21.68 -2.08 -15.24
C TYR A 115 21.57 -1.73 -16.72
N ALA A 116 22.22 -0.63 -17.11
CA ALA A 116 22.14 -0.12 -18.47
C ALA A 116 23.50 0.46 -18.93
N THR A 117 23.66 0.56 -20.23
CA THR A 117 24.82 1.20 -20.81
C THR A 117 24.26 2.29 -21.73
N VAL A 118 24.48 3.55 -21.36
CA VAL A 118 23.95 4.67 -22.13
C VAL A 118 25.01 5.14 -23.12
N LYS A 119 24.61 5.30 -24.38
CA LYS A 119 25.49 5.79 -25.44
C LYS A 119 24.88 6.96 -26.18
N PHE A 120 25.70 7.95 -26.49
CA PHE A 120 25.26 9.12 -27.21
C PHE A 120 26.29 9.38 -28.32
N CYS A 121 25.81 9.37 -29.56
CA CYS A 121 26.66 9.33 -30.75
C CYS A 121 27.76 8.29 -30.59
N ASP A 122 27.40 7.08 -30.18
CA ASP A 122 28.32 5.94 -30.12
C ASP A 122 29.38 5.96 -28.97
N HIS A 123 29.26 6.92 -28.07
CA HIS A 123 30.12 7.02 -26.92
C HIS A 123 29.43 6.58 -25.64
N ILE A 124 30.03 5.67 -24.88
CA ILE A 124 29.47 5.31 -23.61
C ILE A 124 29.63 6.50 -22.69
N VAL A 125 28.50 7.07 -22.29
CA VAL A 125 28.50 8.23 -21.41
CA VAL A 125 28.52 8.23 -21.39
C VAL A 125 28.07 7.90 -19.98
N GLY A 126 27.51 6.69 -19.76
CA GLY A 126 27.09 6.30 -18.42
C GLY A 126 26.67 4.85 -18.29
N THR A 127 26.80 4.30 -17.08
CA THR A 127 26.42 2.92 -16.80
C THR A 127 25.59 2.80 -15.53
N PRO A 128 24.33 3.32 -15.57
CA PRO A 128 23.41 3.32 -14.43
C PRO A 128 23.16 1.93 -13.84
N ASP A 129 23.05 1.85 -12.51
CA ASP A 129 22.74 0.59 -11.86
C ASP A 129 21.82 0.70 -10.66
N ASN A 130 20.79 1.54 -10.79
CA ASN A 130 19.79 1.71 -9.73
C ASN A 130 18.48 2.16 -10.30
N GLN A 131 17.47 1.30 -10.19
CA GLN A 131 16.13 1.62 -10.63
C GLN A 131 15.59 2.89 -9.97
N PHE A 132 15.98 3.11 -8.71
CA PHE A 132 15.37 4.13 -7.85
C PHE A 132 16.10 5.49 -7.85
N ARG A 133 16.97 5.74 -8.85
CA ARG A 133 17.76 6.99 -8.94
C ARG A 133 17.52 7.77 -10.23
N GLN A 134 17.61 9.09 -10.09
CA GLN A 134 17.62 9.99 -11.22
C GLN A 134 19.07 10.08 -11.67
N TRP A 135 19.31 9.81 -12.96
CA TRP A 135 20.65 9.85 -13.50
C TRP A 135 20.74 11.02 -14.49
N PHE A 136 21.89 11.70 -14.50
CA PHE A 136 22.16 12.76 -15.46
C PHE A 136 23.62 12.74 -15.95
N TYR A 137 23.79 12.97 -17.25
CA TYR A 137 25.08 12.81 -17.92
C TYR A 137 25.31 13.99 -18.85
N ASP A 138 26.51 14.56 -18.78
CA ASP A 138 26.90 15.66 -19.65
C ASP A 138 27.42 15.08 -20.97
N VAL A 139 26.65 15.29 -22.05
CA VAL A 139 27.02 14.75 -23.37
C VAL A 139 27.54 15.82 -24.34
N SER A 140 27.97 16.96 -23.80
CA SER A 140 28.39 18.08 -24.64
C SER A 140 29.48 17.68 -25.65
N SER A 141 30.47 16.94 -25.17
CA SER A 141 31.62 16.57 -26.00
C SER A 141 31.28 15.46 -27.01
N ALA A 142 30.41 14.53 -26.64
CA ALA A 142 29.93 13.52 -27.59
C ALA A 142 29.19 14.21 -28.74
N LEU A 143 28.34 15.17 -28.39
CA LEU A 143 27.61 15.96 -29.39
C LEU A 143 28.58 16.69 -30.32
N ALA A 144 29.62 17.29 -29.76
CA ALA A 144 30.59 18.07 -30.56
C ALA A 144 31.33 17.21 -31.57
N SER A 145 31.75 16.01 -31.16
CA SER A 145 32.41 15.05 -32.06
C SER A 145 31.46 14.45 -33.11
N CYS A 146 30.15 14.59 -32.91
CA CYS A 146 29.18 13.87 -33.73
C CYS A 146 29.10 14.45 -35.13
N LYS A 147 29.36 13.60 -36.10
CA LYS A 147 29.42 14.01 -37.51
C LYS A 147 28.03 14.17 -38.16
N SER A 148 26.99 13.65 -37.48
CA SER A 148 25.58 13.91 -37.83
C SER A 148 24.71 13.95 -36.56
N ASP A 149 23.40 14.04 -36.73
CA ASP A 149 22.45 14.04 -35.61
C ASP A 149 22.64 12.85 -34.69
N PRO A 150 22.66 13.08 -33.36
CA PRO A 150 23.09 12.02 -32.46
C PRO A 150 22.00 10.98 -32.18
N VAL A 151 22.43 9.72 -32.10
CA VAL A 151 21.57 8.62 -31.72
C VAL A 151 21.85 8.33 -30.25
N LEU A 152 20.78 8.27 -29.48
CA LEU A 152 20.83 7.84 -28.08
C LEU A 152 20.39 6.39 -28.01
N SER A 153 21.23 5.54 -27.41
CA SER A 153 20.88 4.16 -27.20
C SER A 153 21.13 3.78 -25.76
N ILE A 154 20.27 2.91 -25.25
CA ILE A 154 20.33 2.43 -23.87
C ILE A 154 20.25 0.91 -23.85
N ASN A 155 21.37 0.27 -23.63
CA ASN A 155 21.44 -1.19 -23.66
C ASN A 155 21.21 -1.74 -22.26
N PHE A 156 20.04 -2.35 -22.04
CA PHE A 156 19.63 -2.86 -20.72
C PHE A 156 20.04 -4.32 -20.52
N GLY A 157 20.72 -4.61 -19.41
CA GLY A 157 21.18 -5.98 -19.14
C GLY A 157 20.10 -6.95 -18.77
N SER A 158 20.42 -8.24 -18.89
CA SER A 158 19.69 -9.31 -18.25
C SER A 158 20.08 -9.24 -16.76
N VAL A 159 19.10 -8.99 -15.88
CA VAL A 159 19.41 -8.77 -14.47
C VAL A 159 19.82 -10.05 -13.72
N PRO A 160 19.13 -11.18 -13.95
CA PRO A 160 19.51 -12.46 -13.38
C PRO A 160 20.94 -12.85 -13.71
N ARG A 161 21.33 -12.63 -14.95
CA ARG A 161 22.68 -12.98 -15.39
C ARG A 161 23.72 -12.14 -14.67
N ILE A 162 23.46 -10.84 -14.57
CA ILE A 162 24.38 -9.94 -13.91
C ILE A 162 24.47 -10.26 -12.40
N ILE A 163 23.35 -10.43 -11.71
CA ILE A 163 23.39 -10.79 -10.25
C ILE A 163 23.93 -12.21 -10.00
N ASN A 164 23.72 -13.13 -10.95
CA ASN A 164 24.36 -14.42 -10.86
C ASN A 164 25.90 -14.28 -10.96
N ALA A 165 26.36 -13.42 -11.86
CA ALA A 165 27.80 -13.18 -12.07
C ALA A 165 28.42 -12.51 -10.83
N ILE A 166 27.71 -11.54 -10.25
CA ILE A 166 28.14 -10.89 -9.01
C ILE A 166 28.28 -11.93 -7.89
N ASN A 167 27.24 -12.76 -7.72
CA ASN A 167 27.25 -13.71 -6.63
C ASN A 167 28.35 -14.80 -6.76
N ALA A 168 28.62 -15.22 -7.99
CA ALA A 168 29.53 -16.35 -8.25
C ALA A 168 30.95 -16.06 -7.75
N SER A 169 31.34 -14.79 -7.71
CA SER A 169 32.65 -14.37 -7.22
C SER A 169 32.80 -14.72 -5.75
N ASP A 170 33.94 -15.34 -5.42
CA ASP A 170 34.28 -15.66 -4.03
C ASP A 170 34.76 -14.43 -3.26
N GLU A 171 34.91 -13.29 -3.95
CA GLU A 171 35.31 -12.02 -3.33
C GLU A 171 34.15 -11.20 -2.71
N VAL A 172 32.90 -11.62 -2.89
CA VAL A 172 31.75 -10.89 -2.32
C VAL A 172 31.16 -11.65 -1.15
N GLN A 173 30.33 -10.95 -0.39
CA GLN A 173 29.62 -11.55 0.72
C GLN A 173 28.64 -12.65 0.29
N HIS A 174 28.54 -13.66 1.14
CA HIS A 174 27.55 -14.70 1.00
C HIS A 174 26.87 -14.94 2.34
N TRP A 175 25.64 -15.41 2.28
CA TRP A 175 24.81 -15.60 3.44
C TRP A 175 24.31 -17.04 3.44
N PRO A 176 23.85 -17.52 4.60
CA PRO A 176 23.20 -18.82 4.66
C PRO A 176 22.00 -18.91 3.72
N ALA A 177 21.74 -20.12 3.23
CA ALA A 177 20.70 -20.37 2.27
C ALA A 177 19.33 -19.89 2.76
N SER A 178 19.04 -20.07 4.05
CA SER A 178 17.76 -19.67 4.62
C SER A 178 17.56 -18.15 4.61
N VAL A 179 18.66 -17.39 4.62
CA VAL A 179 18.62 -15.93 4.61
C VAL A 179 18.37 -15.38 3.18
N VAL A 180 18.91 -16.03 2.16
CA VAL A 180 18.77 -15.56 0.76
C VAL A 180 17.90 -16.50 -0.09
N TYR A 181 17.11 -17.32 0.58
CA TYR A 181 16.17 -18.23 -0.07
C TYR A 181 15.32 -17.47 -1.05
N PRO A 182 15.31 -17.89 -2.32
CA PRO A 182 14.53 -17.10 -3.29
C PRO A 182 13.03 -17.40 -3.31
N PHE A 183 12.31 -16.60 -4.11
CA PHE A 183 10.93 -16.85 -4.47
C PHE A 183 11.00 -17.56 -5.80
N GLU A 184 11.50 -16.86 -6.81
CA GLU A 184 11.83 -17.48 -8.06
C GLU A 184 13.32 -17.28 -8.38
N TYR A 185 13.73 -16.12 -8.92
CA TYR A 185 15.17 -15.88 -9.17
C TYR A 185 15.96 -15.69 -7.87
N PRO A 186 17.16 -16.26 -7.79
CA PRO A 186 18.07 -16.05 -6.67
C PRO A 186 18.88 -14.79 -6.83
N ASN A 187 19.56 -14.42 -5.76
CA ASN A 187 20.54 -13.34 -5.77
C ASN A 187 20.06 -11.89 -5.81
N ARG A 188 18.77 -11.64 -5.55
CA ARG A 188 18.16 -10.32 -5.67
C ARG A 188 18.77 -9.28 -4.71
N GLN A 189 19.40 -9.74 -3.64
CA GLN A 189 19.97 -8.82 -2.67
C GLN A 189 21.07 -7.93 -3.29
N TRP A 190 21.62 -8.37 -4.41
CA TRP A 190 22.77 -7.69 -5.05
C TRP A 190 22.36 -6.56 -5.99
N VAL A 191 21.06 -6.40 -6.25
CA VAL A 191 20.63 -5.39 -7.23
C VAL A 191 19.61 -4.41 -6.66
N ARG A 192 19.83 -3.13 -6.87
CA ARG A 192 18.87 -2.11 -6.50
C ARG A 192 17.79 -2.02 -7.58
N LYS A 193 16.87 -2.97 -7.49
CA LYS A 193 15.72 -3.17 -8.40
C LYS A 193 14.61 -3.67 -7.51
N GLU A 194 13.41 -3.36 -7.92
CA GLU A 194 12.17 -3.68 -7.20
C GLU A 194 12.23 -5.16 -6.96
N GLN A 195 12.24 -5.55 -5.68
CA GLN A 195 12.48 -6.88 -5.34
C GLN A 195 11.45 -7.89 -5.82
N ASN A 196 10.18 -7.52 -5.87
CA ASN A 196 9.16 -8.40 -6.31
C ASN A 196 9.23 -8.74 -7.78
N ASP A 197 10.07 -8.05 -8.51
CA ASP A 197 10.28 -8.32 -9.93
C ASP A 197 10.92 -9.70 -10.20
N PHE A 198 11.51 -10.30 -9.18
CA PHE A 198 12.04 -11.64 -9.22
C PHE A 198 11.11 -12.68 -8.61
N GLY A 199 9.84 -12.28 -8.40
CA GLY A 199 8.81 -13.12 -7.92
C GLY A 199 8.45 -12.82 -6.48
N TRP A 200 7.18 -13.00 -6.11
CA TRP A 200 6.81 -13.00 -4.68
C TRP A 200 5.70 -14.03 -4.51
N ASP A 201 5.25 -14.23 -3.27
CA ASP A 201 4.24 -15.21 -2.98
C ASP A 201 2.82 -14.75 -3.36
N TRP A 202 2.68 -13.60 -4.02
CA TRP A 202 1.44 -13.20 -4.64
C TRP A 202 1.63 -12.70 -6.08
N GLY A 203 2.79 -12.85 -6.68
CA GLY A 203 3.05 -12.24 -8.02
C GLY A 203 4.10 -12.96 -8.80
N PRO A 204 4.18 -12.67 -10.12
CA PRO A 204 5.08 -13.32 -11.07
C PRO A 204 6.47 -12.71 -11.05
N ALA A 205 7.38 -13.31 -11.82
CA ALA A 205 8.76 -12.89 -11.85
C ALA A 205 9.19 -12.56 -13.25
N PHE A 206 8.79 -11.40 -13.75
CA PHE A 206 9.08 -11.03 -15.14
C PHE A 206 10.41 -10.33 -15.36
N SER A 207 11.02 -9.81 -14.27
CA SER A 207 12.25 -9.04 -14.33
C SER A 207 12.32 -8.12 -15.56
N PRO A 208 11.38 -7.17 -15.65
CA PRO A 208 11.34 -6.26 -16.80
C PRO A 208 12.45 -5.22 -16.75
N VAL A 209 12.76 -4.68 -17.93
CA VAL A 209 13.82 -3.68 -18.07
C VAL A 209 13.38 -2.66 -19.08
N GLY A 210 13.88 -1.44 -18.91
CA GLY A 210 13.59 -0.35 -19.84
C GLY A 210 13.58 1.01 -19.17
N PRO A 211 13.34 2.06 -19.96
CA PRO A 211 13.22 3.40 -19.46
C PRO A 211 11.87 3.51 -18.75
N TRP A 212 11.85 3.16 -17.48
CA TRP A 212 10.62 2.98 -16.76
C TRP A 212 9.98 4.24 -16.23
N GLN A 213 10.71 5.34 -16.29
CA GLN A 213 10.19 6.63 -15.88
C GLN A 213 10.61 7.68 -16.93
N PRO A 214 10.00 8.89 -16.81
CA PRO A 214 10.33 9.88 -17.86
C PRO A 214 11.76 10.35 -17.91
N GLY A 215 12.11 10.92 -19.05
CA GLY A 215 13.46 11.36 -19.29
C GLY A 215 13.49 12.42 -20.36
N ARG A 216 14.57 13.18 -20.41
CA ARG A 216 14.68 14.23 -21.40
C ARG A 216 16.10 14.70 -21.63
N ILE A 217 16.28 15.49 -22.68
CA ILE A 217 17.54 16.15 -22.95
C ILE A 217 17.41 17.62 -22.63
N VAL A 218 18.37 18.16 -21.86
CA VAL A 218 18.34 19.57 -21.46
C VAL A 218 19.57 20.28 -22.04
N GLN A 219 19.32 21.31 -22.85
CA GLN A 219 20.38 22.20 -23.35
C GLN A 219 20.35 23.56 -22.62
N LEU A 220 21.45 23.82 -21.89
CA LEU A 220 21.59 25.03 -21.06
C LEU A 220 22.62 25.99 -21.64
N SER A 221 22.22 27.25 -21.83
CA SER A 221 23.12 28.28 -22.34
C SER A 221 23.79 29.08 -21.22
N LYS A 222 25.03 29.52 -21.48
CA LYS A 222 25.84 30.28 -20.51
C LYS A 222 25.13 31.53 -20.03
N GLY A 223 25.14 31.75 -18.71
CA GLY A 223 24.44 32.89 -18.11
C GLY A 223 22.92 32.88 -18.22
N GLY A 224 22.35 31.70 -18.47
CA GLY A 224 20.91 31.59 -18.71
C GLY A 224 20.17 30.88 -17.59
N GLU A 225 19.02 30.33 -17.96
CA GLU A 225 18.16 29.63 -17.03
C GLU A 225 18.85 28.36 -16.54
N LEU A 226 18.61 27.99 -15.30
CA LEU A 226 19.05 26.70 -14.79
C LEU A 226 17.92 25.65 -15.02
N TYR A 227 18.24 24.37 -14.81
CA TYR A 227 17.26 23.28 -14.90
C TYR A 227 17.05 22.62 -13.53
N SER A 228 15.80 22.43 -13.13
CA SER A 228 15.49 21.86 -11.82
C SER A 228 15.51 20.32 -11.85
N LEU A 229 16.37 19.72 -11.03
CA LEU A 229 16.43 18.26 -10.91
C LEU A 229 15.44 17.70 -9.90
N ASN A 230 15.39 18.31 -8.73
CA ASN A 230 14.71 17.76 -7.55
C ASN A 230 14.62 18.86 -6.48
N THR A 231 13.56 18.84 -5.67
CA THR A 231 13.31 19.90 -4.68
C THR A 231 12.78 19.33 -3.37
N ASP A 232 13.51 19.58 -2.28
CA ASP A 232 13.11 19.14 -0.93
C ASP A 232 12.46 20.32 -0.24
N ILE A 233 11.16 20.21 0.04
CA ILE A 233 10.43 21.17 0.88
C ILE A 233 10.13 20.46 2.19
N ASP A 234 10.54 21.08 3.28
CA ASP A 234 10.36 20.50 4.61
C ASP A 234 9.62 21.56 5.43
N ILE A 235 8.34 21.30 5.68
CA ILE A 235 7.54 22.15 6.52
C ILE A 235 7.35 21.44 7.85
N PHE A 236 7.87 22.08 8.90
CA PHE A 236 7.86 21.50 10.25
C PHE A 236 7.61 22.61 11.29
N ARG A 237 7.35 22.20 12.52
CA ARG A 237 7.21 23.15 13.62
C ARG A 237 8.60 23.51 14.09
N LYS A 238 8.78 24.76 14.50
CA LYS A 238 10.07 25.19 14.94
C LYS A 238 10.52 24.33 16.15
N GLY A 239 11.76 23.89 16.13
CA GLY A 239 12.30 23.01 17.18
C GLY A 239 12.01 21.51 16.98
N GLN A 240 11.28 21.15 15.93
CA GLN A 240 10.84 19.76 15.70
C GLN A 240 12.01 18.89 15.29
N PHE A 241 12.06 17.69 15.85
CA PHE A 241 12.97 16.67 15.39
C PHE A 241 12.25 15.34 15.06
N ASN A 242 12.88 14.51 14.26
CA ASN A 242 12.31 13.23 13.90
C ASN A 242 12.00 12.35 15.10
N ASN A 243 10.82 11.75 15.10
CA ASN A 243 10.45 10.75 16.11
C ASN A 243 10.04 11.33 17.49
N PHE A 244 9.97 12.64 17.61
CA PHE A 244 9.56 13.30 18.85
C PHE A 244 8.36 14.24 18.58
N ALA A 245 7.40 14.24 19.50
CA ALA A 245 6.18 15.03 19.34
C ALA A 245 6.54 16.52 19.29
N PRO A 246 6.18 17.23 18.20
CA PRO A 246 6.51 18.64 18.12
C PRO A 246 5.60 19.53 18.98
N ASP A 247 6.00 20.79 19.11
CA ASP A 247 5.21 21.82 19.82
C ASP A 247 4.16 22.39 18.86
N GLN A 248 2.89 22.13 19.16
CA GLN A 248 1.78 22.52 18.29
C GLN A 248 1.49 24.04 18.31
N THR A 249 2.06 24.75 19.28
CA THR A 249 1.86 26.21 19.43
C THR A 249 2.96 27.01 18.72
N ALA A 250 3.99 26.35 18.19
CA ALA A 250 5.15 26.99 17.63
C ALA A 250 4.97 27.42 16.19
N PRO A 251 5.80 28.37 15.74
CA PRO A 251 5.71 28.80 14.32
C PRO A 251 6.15 27.72 13.31
N TRP A 252 5.65 27.84 12.09
CA TRP A 252 6.02 26.92 11.01
C TRP A 252 7.35 27.37 10.40
N VAL A 253 8.25 26.44 10.11
CA VAL A 253 9.42 26.75 9.32
C VAL A 253 9.24 26.05 7.98
N VAL A 254 9.35 26.82 6.90
CA VAL A 254 9.35 26.29 5.54
C VAL A 254 10.78 26.32 5.03
N ASN A 255 11.38 25.14 4.80
CA ASN A 255 12.72 25.01 4.30
C ASN A 255 12.70 24.50 2.86
N ALA A 256 13.43 25.15 1.96
CA ALA A 256 13.40 24.81 0.57
C ALA A 256 14.80 24.61 0.07
N SER A 257 15.11 23.41 -0.40
CA SER A 257 16.43 23.06 -0.90
C SER A 257 16.28 22.52 -2.33
N LEU A 258 16.93 23.18 -3.28
CA LEU A 258 16.74 22.89 -4.71
C LEU A 258 17.98 22.33 -5.38
N ASP A 259 17.86 21.17 -6.03
CA ASP A 259 18.92 20.59 -6.85
C ASP A 259 18.73 21.04 -8.31
N PHE A 260 19.83 21.25 -9.04
CA PHE A 260 19.77 21.81 -10.39
C PHE A 260 20.99 21.49 -11.27
N LEU A 261 20.87 21.73 -12.57
CA LEU A 261 21.99 21.85 -13.49
C LEU A 261 21.93 23.29 -14.10
N GLY A 262 23.02 23.98 -14.48
CA GLY A 262 24.39 23.77 -14.10
C GLY A 262 24.94 24.89 -13.18
N THR A 263 25.18 26.10 -13.71
CA THR A 263 26.00 27.11 -12.95
C THR A 263 25.21 28.25 -12.27
N LEU A 264 25.11 28.20 -10.94
CA LEU A 264 24.46 29.25 -10.16
C LEU A 264 25.52 30.21 -9.63
N PRO A 265 25.46 31.50 -10.02
CA PRO A 265 26.50 32.42 -9.51
C PRO A 265 26.48 32.64 -7.99
N LYS A 266 27.60 33.08 -7.45
CA LYS A 266 27.76 33.35 -6.02
C LYS A 266 26.76 34.42 -5.57
N HIS A 267 26.47 34.42 -4.26
CA HIS A 267 25.52 35.38 -3.66
C HIS A 267 24.12 35.33 -4.28
N ALA A 268 23.56 34.12 -4.39
CA ALA A 268 22.20 33.92 -4.91
C ALA A 268 21.16 34.18 -3.82
N SER A 269 19.98 34.63 -4.24
CA SER A 269 18.88 34.95 -3.33
C SER A 269 17.60 34.16 -3.67
N MET A 270 16.76 33.94 -2.66
CA MET A 270 15.57 33.10 -2.82
C MET A 270 14.33 33.78 -2.26
N SER A 271 13.25 33.68 -3.03
CA SER A 271 11.95 34.18 -2.62
C SER A 271 10.90 33.09 -2.84
N VAL A 272 9.77 33.18 -2.12
CA VAL A 272 8.68 32.22 -2.26
C VAL A 272 7.32 32.89 -2.25
N ILE A 273 6.41 32.36 -3.05
CA ILE A 273 4.98 32.68 -2.96
C ILE A 273 4.23 31.40 -2.57
N ILE A 274 3.50 31.47 -1.48
CA ILE A 274 2.69 30.36 -1.00
C ILE A 274 1.24 30.79 -1.10
N THR A 275 0.48 30.02 -1.88
CA THR A 275 -0.89 30.37 -2.25
CA THR A 275 -0.90 30.37 -2.24
C THR A 275 -1.83 29.17 -2.04
N ASP A 276 -3.12 29.45 -1.92
CA ASP A 276 -4.11 28.40 -1.73
C ASP A 276 -4.13 27.50 -2.97
N ALA A 277 -4.09 26.19 -2.76
CA ALA A 277 -3.93 25.23 -3.85
C ALA A 277 -5.14 25.20 -4.78
N SER A 282 -5.75 33.89 -3.09
CA SER A 282 -5.49 33.84 -1.65
C SER A 282 -4.01 33.52 -1.38
N VAL A 283 -3.21 34.55 -1.09
CA VAL A 283 -1.82 34.38 -0.74
C VAL A 283 -1.67 34.17 0.77
N LEU A 284 -0.97 33.12 1.15
CA LEU A 284 -0.61 32.89 2.54
C LEU A 284 0.65 33.69 2.86
N TYR A 285 1.60 33.73 1.93
CA TYR A 285 2.87 34.35 2.20
C TYR A 285 3.62 34.66 0.90
N SER A 286 4.18 35.86 0.83
CA SER A 286 5.12 36.22 -0.19
C SER A 286 6.29 36.90 0.48
N GLY A 287 7.49 36.34 0.32
CA GLY A 287 8.66 36.84 1.03
C GLY A 287 9.96 36.29 0.51
N LYS A 288 11.04 36.84 1.04
CA LYS A 288 12.38 36.30 0.78
C LYS A 288 12.64 35.16 1.75
N LEU A 289 13.59 34.31 1.39
CA LEU A 289 14.09 33.27 2.28
C LEU A 289 15.37 33.78 2.94
N GLU A 290 15.69 33.21 4.10
CA GLU A 290 16.85 33.64 4.88
C GLU A 290 17.78 32.46 5.13
N GLY A 291 19.01 32.77 5.52
CA GLY A 291 20.02 31.77 5.76
C GLY A 291 20.33 30.96 4.52
N VAL A 292 20.36 31.62 3.37
CA VAL A 292 20.64 30.99 2.10
C VAL A 292 22.04 30.38 2.12
N THR A 293 22.14 29.12 1.68
CA THR A 293 23.42 28.46 1.39
C THR A 293 23.39 27.88 -0.02
N GLN A 294 24.55 27.74 -0.63
CA GLN A 294 24.67 27.16 -1.95
C GLN A 294 25.95 26.37 -2.16
N SER A 295 25.89 25.43 -3.09
CA SER A 295 27.04 24.65 -3.52
C SER A 295 26.92 24.45 -5.04
N ASP A 296 27.74 23.58 -5.60
CA ASP A 296 27.79 23.39 -7.05
C ASP A 296 26.43 23.13 -7.73
N MET A 297 25.63 22.23 -7.14
N MET A 297 25.63 22.23 -7.15
CA MET A 297 24.33 21.83 -7.70
CA MET A 297 24.33 21.84 -7.71
C MET A 297 23.13 22.00 -6.79
C MET A 297 23.13 22.03 -6.80
N THR A 298 23.27 22.78 -5.74
CA THR A 298 22.17 22.95 -4.81
C THR A 298 22.11 24.33 -4.20
N VAL A 299 20.89 24.80 -3.95
CA VAL A 299 20.66 26.07 -3.28
C VAL A 299 19.51 25.90 -2.29
N THR A 300 19.70 26.42 -1.08
CA THR A 300 18.80 26.21 0.04
C THR A 300 18.50 27.50 0.80
N GLY A 301 17.27 27.66 1.26
CA GLY A 301 16.91 28.74 2.18
C GLY A 301 15.66 28.40 2.96
N SER A 302 15.37 29.19 3.99
CA SER A 302 14.18 28.96 4.80
C SER A 302 13.44 30.24 5.17
N VAL A 303 12.24 30.07 5.69
CA VAL A 303 11.43 31.18 6.19
C VAL A 303 10.51 30.70 7.29
N THR A 304 10.23 31.56 8.26
CA THR A 304 9.39 31.18 9.39
C THR A 304 8.06 31.91 9.29
N ILE A 305 6.96 31.22 9.60
CA ILE A 305 5.59 31.76 9.47
C ILE A 305 4.79 31.60 10.77
N ASP A 306 3.98 32.60 11.11
CA ASP A 306 3.26 32.59 12.36
C ASP A 306 2.35 31.37 12.40
N ALA A 307 2.35 30.70 13.55
CA ALA A 307 1.51 29.52 13.78
C ALA A 307 0.04 29.76 13.43
N HIS A 308 -0.40 30.99 13.52
CA HIS A 308 -1.80 31.31 13.27
C HIS A 308 -2.17 31.45 11.80
N LYS A 309 -1.20 31.51 10.88
CA LYS A 309 -1.52 31.82 9.49
C LYS A 309 -2.03 30.60 8.65
N PRO A 310 -1.25 29.52 8.59
CA PRO A 310 -1.65 28.43 7.68
C PRO A 310 -2.74 27.51 8.26
N LYS A 311 -3.72 27.19 7.43
CA LYS A 311 -4.74 26.20 7.77
C LYS A 311 -4.19 24.76 7.65
N LEU A 312 -4.55 23.90 8.61
CA LEU A 312 -3.94 22.57 8.73
C LEU A 312 -4.50 21.51 7.76
N TRP A 313 -3.61 20.64 7.30
CA TRP A 313 -4.00 19.44 6.56
C TRP A 313 -4.36 18.35 7.56
N TRP A 314 -5.46 17.66 7.28
CA TRP A 314 -5.87 16.49 8.03
C TRP A 314 -6.15 15.31 7.07
N PRO A 315 -6.02 14.09 7.57
CA PRO A 315 -6.52 12.92 6.81
C PRO A 315 -8.05 12.96 6.58
N ARG A 316 -8.53 12.08 5.71
CA ARG A 316 -9.97 11.97 5.45
C ARG A 316 -10.76 11.63 6.71
N ASP A 317 -11.95 12.24 6.83
CA ASP A 317 -12.81 12.11 8.02
C ASP A 317 -12.15 12.62 9.33
N MET A 318 -11.10 13.43 9.21
CA MET A 318 -10.55 14.16 10.34
C MET A 318 -10.49 15.68 10.09
N GLY A 319 -11.09 16.17 9.01
CA GLY A 319 -11.02 17.58 8.71
C GLY A 319 -10.76 17.82 7.25
N ASN A 320 -10.21 18.98 6.92
CA ASN A 320 -10.03 19.33 5.50
C ASN A 320 -8.66 18.93 5.02
N GLN A 321 -8.56 18.68 3.71
CA GLN A 321 -7.30 18.34 3.09
C GLN A 321 -6.69 19.60 2.50
N GLN A 322 -6.44 20.57 3.39
CA GLN A 322 -5.90 21.86 2.98
C GLN A 322 -4.51 21.72 2.40
N LEU A 323 -4.34 22.18 1.18
CA LEU A 323 -3.05 22.16 0.52
C LEU A 323 -2.73 23.56 0.01
N TYR A 324 -1.45 23.82 -0.25
CA TYR A 324 -1.00 25.09 -0.79
C TYR A 324 0.03 24.85 -1.88
N ASN A 325 0.05 25.73 -2.88
CA ASN A 325 1.15 25.76 -3.83
C ASN A 325 2.26 26.71 -3.35
N ILE A 326 3.50 26.23 -3.37
CA ILE A 326 4.66 27.00 -3.03
C ILE A 326 5.54 27.03 -4.26
N THR A 327 5.72 28.24 -4.81
CA THR A 327 6.64 28.46 -5.92
C THR A 327 7.89 29.15 -5.35
N VAL A 328 9.05 28.57 -5.65
CA VAL A 328 10.34 29.04 -5.14
C VAL A 328 11.17 29.54 -6.29
N SER A 329 11.60 30.80 -6.25
CA SER A 329 12.43 31.39 -7.31
C SER A 329 13.83 31.72 -6.79
N VAL A 330 14.84 31.40 -7.60
CA VAL A 330 16.22 31.69 -7.29
C VAL A 330 16.74 32.77 -8.25
N SER A 331 17.16 33.89 -7.68
CA SER A 331 17.73 35.00 -8.45
C SER A 331 19.17 35.27 -8.03
N SER A 332 19.86 35.98 -8.92
CA SER A 332 21.29 36.24 -8.76
C SER A 332 21.53 37.73 -8.78
N ALA A 333 22.37 38.21 -7.85
CA ALA A 333 22.76 39.62 -7.79
C ALA A 333 22.95 40.20 -9.20
N GLY A 334 22.23 41.29 -9.48
CA GLY A 334 22.29 41.94 -10.79
C GLY A 334 21.20 41.53 -11.77
N SER A 335 20.73 40.29 -11.67
CA SER A 335 19.72 39.77 -12.59
C SER A 335 18.32 40.25 -12.24
N LYS A 336 17.60 40.71 -13.26
CA LYS A 336 16.23 41.19 -13.10
C LYS A 336 15.24 40.04 -12.80
N THR A 337 15.46 38.88 -13.43
CA THR A 337 14.51 37.76 -13.36
C THR A 337 15.17 36.48 -12.83
N PRO A 338 14.36 35.59 -12.22
CA PRO A 338 14.89 34.33 -11.70
C PRO A 338 15.48 33.45 -12.78
N ILE A 339 16.52 32.71 -12.42
CA ILE A 339 17.10 31.73 -13.33
C ILE A 339 16.76 30.28 -12.95
N LEU A 340 16.15 30.08 -11.77
CA LEU A 340 15.65 28.76 -11.34
C LEU A 340 14.33 28.92 -10.59
N VAL A 341 13.29 28.24 -11.07
CA VAL A 341 11.96 28.30 -10.48
C VAL A 341 11.47 26.87 -10.24
N SER A 342 10.90 26.60 -9.08
CA SER A 342 10.41 25.25 -8.75
C SER A 342 9.08 25.40 -8.03
N GLN A 343 8.12 24.54 -8.36
CA GLN A 343 6.82 24.56 -7.72
C GLN A 343 6.44 23.18 -7.21
N ARG A 344 5.96 23.12 -5.98
CA ARG A 344 5.41 21.93 -5.38
C ARG A 344 4.07 22.23 -4.72
N ARG A 345 3.27 21.20 -4.50
CA ARG A 345 2.05 21.34 -3.69
C ARG A 345 2.31 20.74 -2.31
N VAL A 346 2.01 21.49 -1.27
CA VAL A 346 2.38 21.12 0.10
C VAL A 346 1.23 21.24 1.10
N GLY A 347 1.44 20.71 2.30
CA GLY A 347 0.50 20.87 3.41
C GLY A 347 1.21 21.25 4.70
N PHE A 348 0.49 21.94 5.57
CA PHE A 348 0.95 22.26 6.90
C PHE A 348 0.33 21.29 7.87
N ARG A 349 1.15 20.35 8.31
CA ARG A 349 0.76 19.41 9.36
CA ARG A 349 0.76 19.35 9.31
C ARG A 349 1.96 18.72 9.96
N THR A 350 1.77 18.17 11.14
CA THR A 350 2.76 17.34 11.78
C THR A 350 2.24 15.92 11.76
N ILE A 351 3.12 14.99 11.43
CA ILE A 351 2.81 13.57 11.55
C ILE A 351 3.93 12.87 12.27
N LEU A 352 3.60 12.32 13.44
CA LEU A 352 4.54 11.62 14.29
C LEU A 352 4.31 10.12 14.24
N PHE A 353 5.36 9.34 14.06
CA PHE A 353 5.34 7.92 14.35
C PHE A 353 6.02 7.76 15.70
N SER A 354 5.26 7.26 16.67
CA SER A 354 5.71 7.17 18.05
C SER A 354 6.06 5.72 18.41
N SER A 355 7.34 5.46 18.63
CA SER A 355 7.86 4.14 18.96
C SER A 355 8.75 4.06 20.21
N GLY A 356 8.75 5.11 21.01
CA GLY A 356 9.60 5.18 22.21
C GLY A 356 8.87 4.59 23.37
N ASN A 357 9.48 4.68 24.56
CA ASN A 357 8.93 4.02 25.74
C ASN A 357 7.53 4.51 26.12
N ILE A 358 6.75 3.60 26.69
CA ILE A 358 5.50 3.95 27.33
C ILE A 358 5.85 4.76 28.57
N THR A 359 5.33 5.98 28.68
CA THR A 359 5.71 6.91 29.74
C THR A 359 5.06 6.59 31.07
N ASP A 360 5.59 7.14 32.16
CA ASP A 360 5.00 6.96 33.49
C ASP A 360 3.55 7.44 33.48
N ALA A 361 3.32 8.58 32.84
CA ALA A 361 1.98 9.12 32.62
C ALA A 361 1.06 8.11 31.93
N GLN A 362 1.55 7.45 30.91
CA GLN A 362 0.69 6.46 30.22
C GLN A 362 0.43 5.28 31.17
N ILE A 363 1.48 4.85 31.86
CA ILE A 363 1.33 3.75 32.80
C ILE A 363 0.29 4.05 33.89
N ALA A 364 0.36 5.25 34.48
CA ALA A 364 -0.60 5.64 35.52
C ALA A 364 -2.02 5.77 34.96
N SER A 365 -2.16 6.01 33.66
CA SER A 365 -3.46 6.01 33.03
C SER A 365 -4.02 4.59 32.85
N GLY A 366 -3.18 3.57 33.03
CA GLY A 366 -3.59 2.18 32.94
C GLY A 366 -3.10 1.45 31.71
N ILE A 367 -2.20 2.05 30.95
CA ILE A 367 -1.63 1.42 29.77
C ILE A 367 -0.45 0.53 30.15
N THR A 368 -0.48 -0.71 29.69
CA THR A 368 0.67 -1.61 29.81
C THR A 368 2.01 -0.99 29.34
N PRO A 369 3.06 -1.14 30.16
CA PRO A 369 4.41 -0.64 29.89
C PRO A 369 5.03 -1.36 28.71
N GLY A 370 6.08 -0.77 28.18
CA GLY A 370 6.74 -1.24 26.98
C GLY A 370 7.08 -0.08 26.08
N ASN A 371 6.77 -0.27 24.80
CA ASN A 371 7.02 0.77 23.81
C ASN A 371 5.78 1.01 22.95
N ASN A 372 5.61 2.23 22.57
CA ASN A 372 4.50 2.62 21.78
C ASN A 372 4.72 2.07 20.42
N TRP A 373 3.67 2.07 19.63
CA TRP A 373 3.72 1.99 18.16
C TRP A 373 2.43 2.59 17.67
N HIS A 374 2.41 3.90 17.46
CA HIS A 374 1.24 4.59 16.96
C HIS A 374 1.58 5.89 16.22
N PHE A 375 0.56 6.47 15.63
CA PHE A 375 0.69 7.68 14.87
C PHE A 375 -0.09 8.82 15.54
N GLU A 376 0.38 10.06 15.39
CA GLU A 376 -0.33 11.27 15.83
C GLU A 376 -0.38 12.32 14.71
N ILE A 377 -1.54 12.91 14.48
CA ILE A 377 -1.69 13.92 13.43
C ILE A 377 -1.98 15.26 14.09
N ASN A 378 -1.09 16.22 13.87
CA ASN A 378 -1.18 17.53 14.48
C ASN A 378 -1.37 17.37 15.99
N GLY A 379 -0.66 16.47 16.61
CA GLY A 379 -0.72 16.29 18.04
C GLY A 379 -1.79 15.36 18.56
N HIS A 380 -2.71 14.93 17.71
CA HIS A 380 -3.79 14.01 18.14
C HIS A 380 -3.50 12.57 17.73
N GLU A 381 -3.55 11.67 18.70
CA GLU A 381 -3.64 10.22 18.45
C GLU A 381 -4.85 9.92 17.57
N PHE A 382 -4.70 8.93 16.67
CA PHE A 382 -5.86 8.43 15.95
C PHE A 382 -5.73 6.94 15.71
N TYR A 383 -6.86 6.27 15.51
CA TYR A 383 -6.86 4.84 15.18
C TYR A 383 -6.62 4.69 13.67
N ALA A 384 -5.51 4.08 13.27
CA ALA A 384 -5.23 3.89 11.83
C ALA A 384 -6.02 2.72 11.30
N LYS A 385 -6.61 2.90 10.10
CA LYS A 385 -7.45 1.88 9.53
C LYS A 385 -7.06 1.79 8.06
N GLY A 386 -6.70 0.61 7.60
CA GLY A 386 -6.43 0.44 6.17
C GLY A 386 -5.79 -0.91 5.86
N ALA A 387 -4.80 -0.87 4.96
CA ALA A 387 -4.21 -2.11 4.36
C ALA A 387 -2.83 -1.86 3.76
N ASN A 388 -2.20 -2.93 3.25
CA ASN A 388 -0.88 -2.85 2.61
C ASN A 388 -1.03 -2.75 1.09
N LEU A 389 -0.46 -1.73 0.53
CA LEU A 389 -0.47 -1.49 -0.93
C LEU A 389 0.76 -2.14 -1.53
N ILE A 390 0.53 -3.06 -2.46
CA ILE A 390 1.59 -3.67 -3.23
C ILE A 390 1.53 -3.09 -4.66
N PRO A 391 2.57 -3.27 -5.46
CA PRO A 391 2.49 -2.70 -6.82
C PRO A 391 1.28 -3.23 -7.57
N PRO A 392 0.48 -2.34 -8.17
CA PRO A 392 -0.73 -2.81 -8.94
C PRO A 392 -0.42 -3.58 -10.23
N ASP A 393 0.83 -3.57 -10.72
CA ASP A 393 1.15 -4.16 -11.99
C ASP A 393 2.60 -4.64 -11.94
N ALA A 394 2.92 -5.66 -12.72
CA ALA A 394 4.30 -6.06 -12.81
C ALA A 394 5.12 -5.08 -13.69
N PHE A 395 4.42 -4.26 -14.47
CA PHE A 395 5.04 -3.28 -15.35
C PHE A 395 4.56 -1.87 -15.01
N TRP A 396 5.36 -1.17 -14.24
CA TRP A 396 4.98 0.13 -13.69
C TRP A 396 4.61 1.14 -14.78
N PRO A 397 5.32 1.12 -15.92
CA PRO A 397 4.91 2.09 -16.93
C PRO A 397 3.44 2.07 -17.36
N ARG A 398 2.75 0.92 -17.28
CA ARG A 398 1.37 0.91 -17.77
C ARG A 398 0.37 1.25 -16.67
N VAL A 399 0.87 1.54 -15.47
CA VAL A 399 0.00 1.96 -14.42
C VAL A 399 -0.49 3.38 -14.64
N THR A 400 -1.80 3.53 -14.82
CA THR A 400 -2.40 4.78 -15.15
C THR A 400 -3.04 5.52 -13.99
N SER A 401 -3.23 6.79 -14.24
CA SER A 401 -3.98 7.69 -13.37
C SER A 401 -5.41 7.21 -13.11
N ASP A 402 -6.11 6.82 -14.16
CA ASP A 402 -7.44 6.22 -14.02
C ASP A 402 -7.42 4.98 -13.14
N ARG A 403 -6.47 4.08 -13.39
CA ARG A 403 -6.36 2.86 -12.62
C ARG A 403 -6.13 3.18 -11.13
N MET A 404 -5.28 4.17 -10.84
CA MET A 404 -4.93 4.46 -9.45
C MET A 404 -6.03 5.31 -8.80
N ASN A 405 -6.71 6.17 -9.57
CA ASN A 405 -7.88 6.84 -9.05
C ASN A 405 -9.01 5.87 -8.62
N ARG A 406 -9.29 4.85 -9.46
CA ARG A 406 -10.29 3.84 -9.08
C ARG A 406 -9.89 3.09 -7.80
N LEU A 407 -8.59 2.77 -7.72
CA LEU A 407 -8.08 2.12 -6.50
C LEU A 407 -8.24 3.03 -5.28
N PHE A 408 -7.95 4.32 -5.43
CA PHE A 408 -8.15 5.21 -4.28
C PHE A 408 -9.62 5.40 -3.91
N ASP A 409 -10.51 5.42 -4.90
CA ASP A 409 -11.94 5.42 -4.60
C ASP A 409 -12.29 4.24 -3.67
N SER A 410 -11.77 3.04 -3.99
CA SER A 410 -12.08 1.81 -3.23
C SER A 410 -11.50 1.86 -1.82
N VAL A 411 -10.34 2.54 -1.70
CA VAL A 411 -9.68 2.75 -0.39
C VAL A 411 -10.55 3.64 0.54
N GLU A 412 -10.98 4.79 0.01
CA GLU A 412 -11.85 5.72 0.77
C GLU A 412 -13.16 5.04 1.18
N SER A 413 -13.75 4.32 0.23
CA SER A 413 -15.03 3.68 0.46
C SER A 413 -15.00 2.63 1.55
N GLN A 414 -13.84 2.10 1.83
CA GLN A 414 -13.66 1.07 2.84
C GLN A 414 -13.39 1.70 4.18
N ASN A 415 -13.49 3.01 4.24
CA ASN A 415 -13.22 3.85 5.40
C ASN A 415 -11.74 3.87 5.84
N PHE A 416 -10.80 3.77 4.90
CA PHE A 416 -9.39 3.83 5.21
C PHE A 416 -8.96 5.23 5.63
N ASN A 417 -7.92 5.36 6.44
CA ASN A 417 -7.18 6.60 6.56
C ASN A 417 -5.70 6.41 6.33
N MET A 418 -5.28 5.18 6.03
CA MET A 418 -3.86 4.87 5.84
C MET A 418 -3.67 3.68 4.91
N LEU A 419 -2.62 3.76 4.08
CA LEU A 419 -2.01 2.63 3.42
C LEU A 419 -0.56 2.52 3.84
N ARG A 420 -0.11 1.28 4.03
CA ARG A 420 1.30 1.01 4.12
C ARG A 420 1.83 0.68 2.76
N VAL A 421 2.73 1.52 2.25
CA VAL A 421 3.36 1.30 0.96
C VAL A 421 4.53 0.33 1.17
N TRP A 422 4.22 -0.93 0.94
CA TRP A 422 5.03 -2.07 1.26
C TRP A 422 6.36 -2.11 0.49
N SER A 423 7.44 -2.48 1.17
CA SER A 423 8.74 -2.72 0.48
C SER A 423 8.91 -4.22 0.28
N SER A 424 9.37 -4.69 -0.89
CA SER A 424 9.80 -3.90 -2.03
C SER A 424 9.15 -4.35 -3.30
N GLY A 425 8.18 -3.50 -3.63
CA GLY A 425 7.98 -2.86 -4.93
C GLY A 425 8.90 -1.64 -5.00
N THR A 426 8.33 -0.45 -4.89
CA THR A 426 9.11 0.72 -5.24
C THR A 426 8.74 2.02 -4.55
N TYR A 427 9.59 3.06 -4.74
CA TYR A 427 9.24 4.43 -4.35
C TYR A 427 8.21 4.96 -5.33
N LEU A 428 7.05 5.38 -4.83
CA LEU A 428 5.97 5.80 -5.70
C LEU A 428 6.30 7.09 -6.39
N PRO A 429 5.88 7.20 -7.64
CA PRO A 429 6.05 8.46 -8.34
C PRO A 429 5.23 9.59 -7.71
N ASP A 430 5.68 10.83 -7.89
CA ASP A 430 5.01 12.01 -7.36
C ASP A 430 3.48 11.99 -7.61
N TRP A 431 3.06 11.62 -8.81
CA TRP A 431 1.66 11.69 -9.14
C TRP A 431 0.75 10.80 -8.28
N ILE A 432 1.28 9.73 -7.70
CA ILE A 432 0.49 8.84 -6.85
C ILE A 432 0.37 9.44 -5.43
N TYR A 433 1.47 9.95 -4.87
CA TYR A 433 1.43 10.70 -3.61
C TYR A 433 0.50 11.91 -3.76
N ASP A 434 0.44 12.52 -4.94
CA ASP A 434 -0.50 13.61 -5.17
C ASP A 434 -1.94 13.22 -4.91
N ILE A 435 -2.31 12.03 -5.35
CA ILE A 435 -3.64 11.54 -5.18
C ILE A 435 -3.89 11.36 -3.67
N ALA A 436 -2.94 10.75 -3.03
CA ALA A 436 -3.06 10.55 -1.56
C ALA A 436 -3.22 11.88 -0.85
N ASP A 437 -2.30 12.82 -1.11
CA ASP A 437 -2.36 14.19 -0.58
C ASP A 437 -3.76 14.81 -0.57
N GLU A 438 -4.38 14.85 -1.74
CA GLU A 438 -5.64 15.55 -1.90
C GLU A 438 -6.86 14.83 -1.34
N ARG A 439 -6.80 13.50 -1.28
CA ARG A 439 -7.86 12.68 -0.69
C ARG A 439 -7.69 12.47 0.82
N GLY A 440 -6.50 12.69 1.34
CA GLY A 440 -6.28 12.49 2.78
C GLY A 440 -5.97 11.09 3.27
N VAL A 441 -5.28 10.31 2.44
CA VAL A 441 -4.86 8.97 2.83
C VAL A 441 -3.41 9.05 3.28
N LEU A 442 -3.14 8.73 4.56
CA LEU A 442 -1.75 8.70 5.02
C LEU A 442 -1.00 7.56 4.38
N LEU A 443 0.23 7.83 3.91
CA LEU A 443 1.08 6.83 3.31
C LEU A 443 2.30 6.52 4.18
N TRP A 444 2.25 5.40 4.88
CA TRP A 444 3.40 4.93 5.58
C TRP A 444 4.33 4.35 4.54
N SER A 445 5.50 4.93 4.36
CA SER A 445 6.39 4.59 3.29
C SER A 445 7.65 3.89 3.73
N GLU A 446 8.27 3.19 2.78
CA GLU A 446 9.39 2.31 3.12
C GLU A 446 10.49 2.39 2.08
N PHE A 447 11.71 2.11 2.50
CA PHE A 447 12.84 1.98 1.60
C PHE A 447 12.88 0.58 0.98
N GLN A 448 13.42 0.43 -0.25
CA GLN A 448 13.24 -0.83 -0.99
C GLN A 448 14.14 -1.98 -0.53
N PHE A 449 13.90 -2.48 0.68
CA PHE A 449 14.65 -3.58 1.20
C PHE A 449 13.67 -4.54 1.92
N SER A 450 13.74 -5.84 1.60
CA SER A 450 12.63 -6.72 1.94
C SER A 450 12.90 -8.23 2.03
N ASP A 451 12.71 -8.80 3.23
CA ASP A 451 12.67 -10.21 3.45
C ASP A 451 13.96 -10.94 3.04
N THR A 452 15.07 -10.26 3.20
CA THR A 452 16.38 -10.86 3.08
C THR A 452 17.36 -9.87 3.69
N LEU A 453 18.60 -10.31 3.84
CA LEU A 453 19.67 -9.44 4.34
C LEU A 453 20.47 -8.98 3.15
N TYR A 454 21.16 -7.83 3.29
CA TYR A 454 21.73 -7.13 2.16
C TYR A 454 23.23 -6.87 2.34
N PRO A 455 23.91 -6.59 1.22
CA PRO A 455 25.34 -6.18 1.27
C PRO A 455 25.53 -4.86 2.00
N ASP A 456 26.75 -4.64 2.48
CA ASP A 456 27.11 -3.37 3.11
C ASP A 456 28.57 -2.98 2.77
N SER A 457 29.01 -3.36 1.57
CA SER A 457 30.29 -2.90 1.04
C SER A 457 30.16 -1.41 0.75
N ASP A 458 31.30 -0.75 0.50
CA ASP A 458 31.33 0.70 0.28
C ASP A 458 30.60 1.11 -1.00
N ASP A 459 30.76 0.35 -2.08
CA ASP A 459 30.11 0.72 -3.34
C ASP A 459 28.58 0.54 -3.26
N PHE A 460 28.14 -0.56 -2.66
CA PHE A 460 26.68 -0.84 -2.49
C PHE A 460 26.03 0.26 -1.66
N LYS A 461 26.63 0.55 -0.51
CA LYS A 461 26.17 1.67 0.32
C LYS A 461 26.14 2.99 -0.45
N ALA A 462 27.21 3.31 -1.16
CA ALA A 462 27.23 4.57 -1.90
C ALA A 462 26.01 4.64 -2.85
N ASN A 463 25.71 3.52 -3.50
CA ASN A 463 24.56 3.43 -4.42
C ASN A 463 23.25 3.64 -3.66
N VAL A 464 23.10 2.94 -2.54
CA VAL A 464 21.92 3.10 -1.68
C VAL A 464 21.75 4.56 -1.25
N VAL A 465 22.85 5.20 -0.85
CA VAL A 465 22.80 6.59 -0.40
C VAL A 465 22.34 7.51 -1.53
N GLY A 466 22.75 7.24 -2.76
CA GLY A 466 22.22 8.00 -3.89
C GLY A 466 20.69 7.85 -3.91
N GLU A 467 20.27 6.62 -3.68
CA GLU A 467 18.83 6.25 -3.70
C GLU A 467 18.07 6.87 -2.55
N ILE A 468 18.53 6.67 -1.31
CA ILE A 468 17.81 7.22 -0.18
C ILE A 468 17.76 8.75 -0.24
N THR A 469 18.86 9.40 -0.63
CA THR A 469 18.93 10.86 -0.69
C THR A 469 18.00 11.45 -1.76
N TYR A 470 18.02 10.88 -2.95
CA TYR A 470 17.12 11.33 -4.01
C TYR A 470 15.62 11.19 -3.64
N ASN A 471 15.22 10.00 -3.21
CA ASN A 471 13.79 9.76 -2.92
C ASN A 471 13.27 10.45 -1.66
N VAL A 472 14.06 10.48 -0.57
CA VAL A 472 13.68 11.24 0.64
C VAL A 472 13.48 12.73 0.31
N ARG A 473 14.41 13.31 -0.44
CA ARG A 473 14.29 14.72 -0.88
C ARG A 473 13.10 14.93 -1.81
N ARG A 474 12.93 14.02 -2.78
CA ARG A 474 11.83 14.09 -3.75
C ARG A 474 10.45 14.09 -3.10
N LEU A 475 10.28 13.22 -2.11
CA LEU A 475 8.95 12.90 -1.55
C LEU A 475 8.56 13.72 -0.33
N ASN A 476 9.53 14.43 0.27
CA ASN A 476 9.36 15.04 1.58
C ASN A 476 8.24 16.07 1.69
N HIS A 477 7.92 16.73 0.58
CA HIS A 477 6.91 17.78 0.60
C HIS A 477 5.46 17.32 0.56
N HIS A 478 5.24 16.01 0.34
CA HIS A 478 3.89 15.46 0.27
C HIS A 478 3.26 15.37 1.64
N ALA A 479 2.10 16.02 1.81
CA ALA A 479 1.40 15.96 3.11
C ALA A 479 0.96 14.54 3.50
N SER A 480 0.71 13.68 2.50
CA SER A 480 0.30 12.29 2.76
C SER A 480 1.43 11.42 3.37
N LEU A 481 2.68 11.80 3.17
CA LEU A 481 3.80 11.01 3.63
C LEU A 481 3.77 10.97 5.14
N ALA A 482 3.80 9.78 5.71
CA ALA A 482 3.54 9.65 7.14
C ALA A 482 4.70 9.13 7.97
N CYS A 483 5.66 8.52 7.32
CA CYS A 483 6.83 7.96 7.98
C CYS A 483 7.69 7.28 6.93
N TRP A 484 8.95 7.00 7.29
CA TRP A 484 9.82 6.15 6.52
C TRP A 484 10.27 5.01 7.40
N MET A 485 10.18 3.81 6.87
CA MET A 485 10.75 2.66 7.55
C MET A 485 11.76 2.05 6.60
N GLY A 486 12.82 1.53 7.19
CA GLY A 486 14.03 1.11 6.45
C GLY A 486 13.84 -0.10 5.56
N GLY A 487 12.84 -0.92 5.90
CA GLY A 487 12.59 -2.12 5.11
C GLY A 487 11.71 -3.14 5.78
N ASN A 488 11.34 -4.14 5.02
CA ASN A 488 10.33 -5.10 5.45
C ASN A 488 10.95 -6.33 6.12
N GLU A 489 10.44 -6.64 7.31
CA GLU A 489 10.74 -7.88 8.05
C GLU A 489 12.19 -8.22 8.46
N PHE A 490 12.89 -7.28 9.09
CA PHE A 490 14.22 -7.49 9.50
C PHE A 490 14.28 -8.05 10.92
N GLU A 491 13.96 -7.25 11.91
CA GLU A 491 14.15 -7.62 13.30
C GLU A 491 13.18 -8.68 13.81
N ASN A 492 12.02 -8.77 13.18
CA ASN A 492 11.01 -9.75 13.58
C ASN A 492 11.12 -11.10 12.85
N LEU A 493 11.88 -11.14 11.75
CA LEU A 493 11.97 -12.35 10.91
C LEU A 493 13.41 -12.68 10.43
N MET A 494 13.96 -11.88 9.54
CA MET A 494 15.21 -12.26 8.89
C MET A 494 16.44 -12.23 9.78
N LEU A 495 16.52 -11.28 10.71
CA LEU A 495 17.61 -11.28 11.66
C LEU A 495 17.63 -12.52 12.58
N PRO A 496 16.48 -12.88 13.16
CA PRO A 496 16.52 -14.13 13.96
C PRO A 496 16.76 -15.41 13.11
N ILE A 497 16.34 -15.41 11.84
CA ILE A 497 16.69 -16.51 10.94
C ILE A 497 18.24 -16.54 10.77
N ALA A 498 18.83 -15.39 10.57
CA ALA A 498 20.27 -15.30 10.47
C ALA A 498 20.99 -15.72 11.76
N GLN A 499 20.48 -15.34 12.92
CA GLN A 499 21.07 -15.80 14.17
C GLN A 499 20.99 -17.31 14.30
N GLY A 500 19.84 -17.89 14.02
CA GLY A 500 19.70 -19.32 14.00
C GLY A 500 20.58 -20.02 12.99
N ALA A 501 20.68 -19.48 11.79
CA ALA A 501 21.31 -20.18 10.69
C ALA A 501 22.83 -20.13 10.80
N ASP A 502 23.39 -19.04 11.31
CA ASP A 502 24.85 -18.91 11.46
C ASP A 502 25.20 -18.06 12.66
N PRO A 503 25.11 -18.64 13.88
CA PRO A 503 25.30 -17.93 15.13
C PRO A 503 26.64 -17.18 15.21
N ALA A 504 27.70 -17.78 14.68
CA ALA A 504 29.04 -17.20 14.81
C ALA A 504 29.20 -15.89 14.05
N THR A 505 28.58 -15.82 12.87
CA THR A 505 28.66 -14.63 12.02
C THR A 505 27.54 -13.58 12.29
N TYR A 506 26.57 -13.95 13.12
CA TYR A 506 25.42 -13.09 13.39
C TYR A 506 25.78 -11.68 13.91
N PRO A 507 26.70 -11.55 14.89
CA PRO A 507 27.01 -10.19 15.33
C PRO A 507 27.58 -9.30 14.21
N TYR A 508 28.31 -9.93 13.30
CA TYR A 508 28.79 -9.22 12.12
C TYR A 508 27.60 -8.74 11.28
N VAL A 509 26.64 -9.62 10.96
CA VAL A 509 25.51 -9.20 10.10
C VAL A 509 24.57 -8.25 10.83
N LEU A 510 24.45 -8.37 12.16
CA LEU A 510 23.71 -7.37 12.93
C LEU A 510 24.36 -5.97 12.79
N GLY A 511 25.70 -5.92 12.81
CA GLY A 511 26.42 -4.65 12.67
C GLY A 511 26.23 -3.99 11.32
N GLN A 512 26.13 -4.79 10.28
CA GLN A 512 25.86 -4.27 8.94
C GLN A 512 24.45 -3.69 8.87
N TYR A 513 23.50 -4.36 9.54
CA TYR A 513 22.13 -3.91 9.64
C TYR A 513 22.07 -2.53 10.28
N GLU A 514 22.67 -2.41 11.45
CA GLU A 514 22.73 -1.14 12.14
C GLU A 514 23.46 -0.10 11.31
N ASN A 515 24.57 -0.50 10.70
CA ASN A 515 25.39 0.43 9.94
C ASN A 515 24.64 0.96 8.73
N LEU A 516 23.96 0.06 8.00
CA LEU A 516 23.22 0.51 6.80
C LEU A 516 21.90 1.19 7.18
N PHE A 517 21.07 0.47 7.93
CA PHE A 517 19.67 0.92 8.15
C PHE A 517 19.52 1.95 9.29
N ILE A 518 20.55 2.16 10.10
CA ILE A 518 20.44 3.16 11.15
C ILE A 518 21.48 4.28 10.97
N THR A 519 22.76 3.94 11.11
CA THR A 519 23.86 4.91 11.01
C THR A 519 23.82 5.64 9.67
N THR A 520 23.77 4.93 8.55
CA THR A 520 23.76 5.61 7.23
C THR A 520 22.39 6.19 6.94
N LEU A 521 21.38 5.33 6.92
CA LEU A 521 20.04 5.74 6.50
C LEU A 521 19.35 6.75 7.43
N PHE A 522 19.39 6.56 8.74
CA PHE A 522 18.73 7.56 9.62
C PHE A 522 19.42 8.92 9.50
N ASN A 523 20.75 8.93 9.42
CA ASN A 523 21.48 10.19 9.19
C ASN A 523 21.09 10.85 7.89
N VAL A 524 20.97 10.07 6.82
CA VAL A 524 20.54 10.63 5.52
C VAL A 524 19.13 11.23 5.59
N LEU A 525 18.19 10.54 6.21
CA LEU A 525 16.83 11.10 6.36
C LEU A 525 16.81 12.38 7.22
N ALA A 526 17.47 12.30 8.38
CA ALA A 526 17.57 13.43 9.28
C ALA A 526 18.27 14.65 8.63
N ALA A 527 19.23 14.41 7.78
CA ALA A 527 19.85 15.48 7.02
C ALA A 527 18.86 16.20 6.11
N ASN A 528 17.84 15.49 5.64
CA ASN A 528 16.92 16.02 4.61
C ASN A 528 15.46 16.21 5.03
N SER A 529 15.17 15.94 6.30
CA SER A 529 13.80 16.07 6.83
C SER A 529 13.80 16.21 8.35
N HIS A 530 13.11 17.22 8.86
CA HIS A 530 12.86 17.37 10.33
C HIS A 530 11.46 16.84 10.70
N SER A 531 10.63 16.57 9.68
CA SER A 531 9.21 16.34 9.86
C SER A 531 8.80 14.85 9.85
N ILE A 532 9.60 13.99 9.22
CA ILE A 532 9.19 12.59 9.01
C ILE A 532 9.95 11.63 9.91
N SER A 533 9.21 10.91 10.75
CA SER A 533 9.80 9.93 11.69
C SER A 533 10.27 8.65 10.99
N TYR A 534 11.03 7.82 11.70
CA TYR A 534 11.76 6.74 11.11
C TYR A 534 11.75 5.54 11.99
N SER A 535 11.81 4.39 11.32
CA SER A 535 12.08 3.15 11.99
C SER A 535 12.97 2.35 11.07
N PRO A 536 13.96 1.66 11.65
CA PRO A 536 14.88 0.91 10.81
C PRO A 536 14.24 -0.31 10.10
N CYS A 537 13.08 -0.78 10.58
CA CYS A 537 12.30 -1.79 9.84
C CYS A 537 10.84 -1.78 10.21
N SER A 538 10.07 -2.48 9.39
CA SER A 538 8.61 -2.44 9.43
C SER A 538 8.00 -2.94 10.70
N ALA A 539 8.71 -3.80 11.43
CA ALA A 539 8.24 -4.35 12.68
C ALA A 539 9.36 -4.55 13.66
N ASN A 540 9.25 -3.94 14.83
CA ASN A 540 10.26 -4.07 15.85
C ASN A 540 9.72 -3.68 17.23
N ASN A 541 10.53 -3.89 18.26
CA ASN A 541 10.14 -3.62 19.63
C ASN A 541 10.40 -2.20 20.12
N GLY A 542 10.67 -1.30 19.18
CA GLY A 542 10.90 0.09 19.51
C GLY A 542 12.33 0.43 19.82
N TRP A 543 12.56 1.71 20.14
CA TRP A 543 13.89 2.22 20.47
C TRP A 543 14.05 2.55 21.95
N LEU A 544 15.26 2.39 22.45
CA LEU A 544 15.66 2.83 23.79
C LEU A 544 16.15 4.30 23.81
N GLU A 545 16.89 4.72 22.78
CA GLU A 545 17.39 6.10 22.64
C GLU A 545 17.43 6.50 21.17
N ILE A 546 17.26 7.79 20.91
CA ILE A 546 17.56 8.38 19.62
C ILE A 546 18.44 9.61 19.88
N ASP A 547 19.66 9.56 19.37
CA ASP A 547 20.60 10.67 19.57
C ASP A 547 21.68 10.66 18.51
N LEU A 548 21.71 11.70 17.68
CA LEU A 548 22.66 11.78 16.58
C LEU A 548 24.13 11.85 17.03
N ASP A 549 24.37 12.13 18.32
CA ASP A 549 25.74 12.07 18.88
C ASP A 549 26.26 10.63 19.05
N LEU A 550 25.39 9.63 18.98
CA LEU A 550 25.78 8.23 19.17
C LEU A 550 26.27 7.62 17.86
N PRO A 551 27.24 6.68 17.95
CA PRO A 551 27.73 6.02 16.75
C PRO A 551 26.63 5.27 16.01
N VAL A 552 25.74 4.62 16.75
CA VAL A 552 24.46 4.11 16.20
C VAL A 552 23.32 4.96 16.79
N PRO A 553 22.81 5.95 16.02
CA PRO A 553 21.94 7.03 16.55
C PRO A 553 20.57 6.59 17.07
N ILE A 554 20.10 5.41 16.64
CA ILE A 554 18.88 4.81 17.17
C ILE A 554 19.29 3.52 17.88
N VAL A 555 19.16 3.49 19.19
CA VAL A 555 19.54 2.32 19.98
C VAL A 555 18.26 1.48 20.11
N GLU A 556 18.16 0.47 19.25
CA GLU A 556 16.99 -0.48 19.26
C GLU A 556 16.89 -1.29 20.53
N ARG A 557 15.67 -1.51 20.97
CA ARG A 557 15.40 -2.42 22.10
C ARG A 557 15.77 -3.85 21.78
N TYR A 558 15.47 -4.26 20.56
CA TYR A 558 15.62 -5.66 20.18
C TYR A 558 14.88 -6.53 21.21
N TYR A 559 15.59 -7.43 21.86
CA TYR A 559 15.01 -8.44 22.72
C TYR A 559 15.33 -8.16 24.20
N ASN A 560 15.65 -6.91 24.51
CA ASN A 560 15.83 -6.44 25.89
C ASN A 560 14.47 -6.14 26.46
N THR A 561 13.72 -7.19 26.76
CA THR A 561 12.32 -7.05 27.14
C THR A 561 12.05 -7.50 28.56
N THR A 562 10.88 -7.12 29.07
CA THR A 562 10.45 -7.52 30.40
C THR A 562 9.16 -8.32 30.25
N SER A 563 9.02 -9.37 31.06
CA SER A 563 7.77 -10.16 31.07
C SER A 563 6.60 -9.26 31.44
N GLY A 564 5.47 -9.46 30.78
CA GLY A 564 4.28 -8.65 31.06
C GLY A 564 4.22 -7.35 30.24
N HIS A 565 5.36 -6.84 29.77
CA HIS A 565 5.37 -5.61 28.97
C HIS A 565 5.05 -5.90 27.52
N ILE A 566 4.60 -4.88 26.79
CA ILE A 566 4.16 -5.02 25.39
C ILE A 566 4.93 -4.04 24.50
N TYR A 567 5.36 -4.50 23.34
CA TYR A 567 6.17 -3.71 22.45
C TYR A 567 5.73 -3.98 21.03
N GLY A 568 5.81 -2.96 20.21
CA GLY A 568 5.80 -3.18 18.76
C GLY A 568 4.47 -3.41 18.13
N ASP A 569 4.49 -3.42 16.81
CA ASP A 569 3.36 -3.85 16.02
C ASP A 569 3.33 -5.38 15.88
N THR A 570 2.20 -5.92 15.41
CA THR A 570 2.00 -7.36 15.29
C THR A 570 1.73 -7.81 13.83
N ASP A 571 2.12 -9.05 13.52
CA ASP A 571 1.65 -9.81 12.34
C ASP A 571 0.70 -10.97 12.74
N PHE A 572 -0.06 -11.49 11.80
CA PHE A 572 -0.78 -12.70 12.12
C PHE A 572 -1.04 -13.47 10.87
N TYR A 573 -0.32 -14.57 10.75
CA TYR A 573 -0.51 -15.45 9.62
C TYR A 573 -0.60 -16.88 10.10
N ASN A 574 -1.44 -17.13 11.08
CA ASN A 574 -1.69 -18.50 11.50
C ASN A 574 -2.62 -19.18 10.48
N TYR A 575 -2.13 -20.23 9.82
CA TYR A 575 -2.85 -20.90 8.72
C TYR A 575 -3.53 -22.21 9.20
N ASP A 576 -3.52 -22.40 10.50
CA ASP A 576 -4.24 -23.48 11.12
C ASP A 576 -5.71 -23.10 11.25
N THR A 577 -6.56 -23.66 10.38
CA THR A 577 -7.94 -23.22 10.28
C THR A 577 -8.79 -23.57 11.49
N SER A 578 -8.31 -24.42 12.39
CA SER A 578 -9.03 -24.74 13.62
C SER A 578 -9.04 -23.61 14.68
N VAL A 579 -8.15 -22.63 14.57
CA VAL A 579 -8.13 -21.52 15.52
C VAL A 579 -8.43 -20.15 14.90
N SER A 580 -8.81 -20.13 13.62
CA SER A 580 -8.96 -18.89 12.88
C SER A 580 -9.89 -17.87 13.52
N PHE A 581 -10.95 -18.34 14.16
CA PHE A 581 -11.94 -17.47 14.81
C PHE A 581 -11.83 -17.50 16.33
N ASP A 582 -10.71 -17.97 16.80
CA ASP A 582 -10.44 -18.07 18.25
C ASP A 582 -9.61 -16.89 18.70
N THR A 583 -10.26 -15.89 19.29
CA THR A 583 -9.55 -14.67 19.67
C THR A 583 -8.41 -14.86 20.67
N SER A 584 -8.35 -16.00 21.37
CA SER A 584 -7.19 -16.25 22.23
C SER A 584 -5.93 -16.63 21.41
N ALA A 585 -6.07 -16.85 20.09
CA ALA A 585 -4.93 -17.07 19.23
C ALA A 585 -4.37 -15.80 18.56
N TYR A 586 -5.12 -14.68 18.62
CA TYR A 586 -4.66 -13.42 18.02
C TYR A 586 -3.60 -12.67 18.87
N PRO A 587 -2.68 -11.96 18.22
CA PRO A 587 -1.60 -11.30 18.97
C PRO A 587 -2.07 -10.06 19.72
N VAL A 588 -1.65 -9.88 20.97
CA VAL A 588 -1.91 -8.67 21.75
C VAL A 588 -0.79 -7.63 21.55
N GLY A 589 -1.01 -6.62 20.68
CA GLY A 589 -0.01 -5.60 20.40
C GLY A 589 -0.52 -4.17 20.35
N ARG A 590 0.34 -3.25 19.97
CA ARG A 590 0.01 -1.82 19.94
C ARG A 590 -0.60 -1.38 18.57
N PHE A 591 -0.46 -2.23 17.57
CA PHE A 591 -0.80 -1.86 16.18
C PHE A 591 -0.63 -3.11 15.36
N ALA A 592 -1.55 -3.36 14.42
CA ALA A 592 -1.48 -4.58 13.63
C ALA A 592 -1.21 -4.11 12.21
N ASN A 593 0.02 -4.29 11.74
CA ASN A 593 0.44 -3.76 10.44
C ASN A 593 0.32 -4.75 9.28
N GLU A 594 0.10 -6.02 9.64
CA GLU A 594 -0.02 -7.16 8.70
C GLU A 594 -0.83 -8.30 9.28
N PHE A 595 -1.81 -8.76 8.50
CA PHE A 595 -2.53 -10.00 8.84
C PHE A 595 -3.39 -10.47 7.70
N GLY A 596 -3.48 -11.78 7.52
CA GLY A 596 -4.33 -12.33 6.44
C GLY A 596 -4.32 -13.82 6.20
N PHE A 597 -5.09 -14.21 5.17
CA PHE A 597 -5.30 -15.58 4.71
C PHE A 597 -5.59 -15.38 3.19
N ILE A 598 -5.17 -16.27 2.27
CA ILE A 598 -5.45 -16.07 0.80
C ILE A 598 -6.85 -16.44 0.34
N SER A 599 -7.35 -15.96 -0.82
CA SER A 599 -8.59 -16.49 -1.24
C SER A 599 -8.53 -16.38 -2.80
N MET A 600 -9.36 -17.16 -3.47
CA MET A 600 -9.44 -17.14 -4.94
C MET A 600 -9.99 -15.86 -5.40
N PRO A 601 -9.63 -15.41 -6.62
CA PRO A 601 -10.39 -14.31 -7.13
C PRO A 601 -11.68 -14.77 -7.81
N SER A 602 -12.52 -13.81 -8.21
CA SER A 602 -13.75 -14.12 -8.94
C SER A 602 -13.45 -14.92 -10.20
N ILE A 603 -14.42 -15.71 -10.64
CA ILE A 603 -14.28 -16.38 -11.94
C ILE A 603 -14.15 -15.35 -13.08
N GLN A 604 -14.72 -14.15 -12.93
CA GLN A 604 -14.63 -13.16 -14.05
C GLN A 604 -13.18 -12.70 -14.12
N THR A 605 -12.52 -12.60 -12.94
CA THR A 605 -11.11 -12.23 -12.91
C THR A 605 -10.27 -13.38 -13.54
N TRP A 606 -10.44 -14.63 -13.04
CA TRP A 606 -9.77 -15.79 -13.66
C TRP A 606 -9.92 -15.76 -15.17
N GLN A 607 -11.14 -15.51 -15.60
CA GLN A 607 -11.46 -15.58 -17.02
C GLN A 607 -10.63 -14.62 -17.89
N GLN A 608 -10.02 -13.62 -17.25
CA GLN A 608 -9.20 -12.67 -17.96
C GLN A 608 -7.87 -13.29 -18.41
N ALA A 609 -7.34 -14.24 -17.61
CA ALA A 609 -5.95 -14.68 -17.71
C ALA A 609 -5.76 -16.12 -18.11
N VAL A 610 -6.77 -16.97 -17.92
CA VAL A 610 -6.65 -18.41 -18.06
CA VAL A 610 -6.60 -18.41 -18.14
C VAL A 610 -7.64 -19.02 -19.06
N ASP A 611 -7.23 -20.08 -19.75
CA ASP A 611 -8.12 -20.77 -20.71
C ASP A 611 -9.38 -21.30 -20.06
N PRO A 612 -10.49 -21.30 -20.80
CA PRO A 612 -11.76 -21.86 -20.31
C PRO A 612 -11.57 -23.27 -19.72
N GLU A 613 -10.84 -24.17 -20.39
CA GLU A 613 -10.69 -25.52 -19.83
C GLU A 613 -9.88 -25.57 -18.52
N GLU A 614 -9.19 -24.49 -18.20
CA GLU A 614 -8.43 -24.43 -16.96
C GLU A 614 -9.17 -23.87 -15.76
N LEU A 615 -10.46 -23.61 -15.90
CA LEU A 615 -11.24 -23.02 -14.83
C LEU A 615 -11.77 -24.07 -13.86
N SER A 616 -10.90 -24.64 -13.04
CA SER A 616 -11.34 -25.50 -11.95
C SER A 616 -10.40 -25.33 -10.79
N PHE A 617 -10.89 -25.60 -9.60
CA PHE A 617 -10.17 -25.19 -8.39
C PHE A 617 -8.69 -25.58 -8.47
N ASN A 618 -8.44 -26.77 -8.98
CA ASN A 618 -7.12 -27.39 -8.91
C ASN A 618 -6.58 -27.71 -10.30
N SER A 619 -6.95 -26.96 -11.32
CA SER A 619 -6.32 -27.18 -12.62
C SER A 619 -4.84 -26.88 -12.48
N THR A 620 -4.05 -27.40 -13.42
CA THR A 620 -2.60 -27.23 -13.33
C THR A 620 -2.26 -25.75 -13.46
N THR A 621 -2.92 -25.01 -14.37
CA THR A 621 -2.62 -23.60 -14.50
C THR A 621 -3.01 -22.77 -13.26
N VAL A 622 -4.15 -23.06 -12.64
CA VAL A 622 -4.60 -22.29 -11.48
C VAL A 622 -3.65 -22.57 -10.28
N ILE A 623 -3.27 -23.83 -10.11
CA ILE A 623 -2.33 -24.21 -9.05
C ILE A 623 -1.00 -23.49 -9.25
N LEU A 624 -0.49 -23.53 -10.49
CA LEU A 624 0.83 -22.93 -10.77
C LEU A 624 0.85 -21.41 -10.59
N ARG A 625 -0.32 -20.78 -10.59
CA ARG A 625 -0.42 -19.35 -10.35
C ARG A 625 -0.58 -19.01 -8.88
N ASN A 626 -0.77 -20.01 -8.05
CA ASN A 626 -0.79 -19.80 -6.60
C ASN A 626 0.66 -19.83 -6.13
N HIS A 627 1.19 -18.66 -5.71
CA HIS A 627 2.54 -18.62 -5.25
C HIS A 627 2.64 -18.70 -3.75
N HIS A 628 1.54 -19.04 -3.13
CA HIS A 628 1.52 -19.38 -1.69
C HIS A 628 1.41 -20.90 -1.64
N TYR A 629 2.51 -21.65 -1.51
CA TYR A 629 3.84 -21.20 -1.13
C TYR A 629 4.77 -21.13 -2.34
N PRO A 630 5.77 -20.25 -2.29
CA PRO A 630 6.56 -20.01 -3.48
C PRO A 630 7.56 -21.18 -3.76
N ALA A 631 8.03 -21.16 -4.99
CA ALA A 631 8.76 -22.27 -5.55
C ALA A 631 10.16 -22.45 -4.92
N GLY A 632 10.70 -21.39 -4.35
CA GLY A 632 12.04 -21.41 -3.79
C GLY A 632 13.11 -21.51 -4.87
N GLY A 633 12.87 -20.94 -6.06
CA GLY A 633 13.78 -21.17 -7.17
C GLY A 633 13.01 -21.22 -8.46
N LEU A 634 13.61 -21.81 -9.48
CA LEU A 634 13.07 -21.73 -10.83
C LEU A 634 12.23 -22.93 -11.27
N THR A 635 11.97 -23.91 -10.40
CA THR A 635 11.18 -25.07 -10.81
C THR A 635 9.66 -24.77 -10.93
N ARG A 636 8.95 -25.65 -11.61
CA ARG A 636 7.47 -25.68 -11.58
C ARG A 636 7.07 -26.45 -10.35
N ASN A 637 6.98 -25.74 -9.24
CA ASN A 637 6.82 -26.36 -7.95
C ASN A 637 5.31 -26.55 -7.60
N ILE A 638 4.74 -27.64 -8.12
CA ILE A 638 3.32 -27.98 -7.88
C ILE A 638 3.10 -28.29 -6.42
N HIS A 639 4.06 -28.94 -5.79
CA HIS A 639 3.91 -29.31 -4.39
C HIS A 639 3.70 -28.08 -3.47
N ASN A 640 4.57 -27.10 -3.60
CA ASN A 640 4.50 -25.90 -2.77
C ASN A 640 3.26 -25.08 -3.02
N SER A 641 2.87 -24.94 -4.29
CA SER A 641 1.66 -24.25 -4.63
C SER A 641 0.43 -24.94 -4.06
N THR A 642 0.43 -26.27 -4.11
CA THR A 642 -0.67 -27.08 -3.64
C THR A 642 -0.93 -26.85 -2.14
N LEU A 643 0.10 -26.50 -1.39
CA LEU A 643 -0.05 -26.28 0.05
C LEU A 643 -1.07 -25.14 0.26
N GLY A 644 -1.05 -24.16 -0.66
CA GLY A 644 -1.97 -23.03 -0.52
C GLY A 644 -3.36 -23.43 -0.90
N GLN A 645 -3.48 -24.10 -2.06
CA GLN A 645 -4.72 -24.75 -2.48
C GLN A 645 -5.40 -25.50 -1.33
N VAL A 646 -4.61 -26.24 -0.58
CA VAL A 646 -5.10 -27.03 0.55
C VAL A 646 -5.59 -26.14 1.69
N GLU A 647 -4.86 -25.09 2.01
CA GLU A 647 -5.30 -24.15 3.07
C GLU A 647 -6.69 -23.60 2.76
N MET A 648 -6.92 -23.18 1.52
CA MET A 648 -8.21 -22.64 1.22
C MET A 648 -9.28 -23.70 1.31
N THR A 649 -8.97 -24.92 0.87
CA THR A 649 -9.95 -26.01 0.82
C THR A 649 -10.36 -26.40 2.22
N LEU A 650 -9.41 -26.50 3.12
CA LEU A 650 -9.71 -26.86 4.49
C LEU A 650 -10.55 -25.80 5.24
N ALA A 651 -10.22 -24.53 4.99
CA ALA A 651 -10.95 -23.41 5.53
C ALA A 651 -12.44 -23.50 5.21
N VAL A 652 -12.76 -23.64 3.92
CA VAL A 652 -14.11 -23.79 3.49
C VAL A 652 -14.77 -25.02 4.10
N GLU A 653 -14.10 -26.17 4.06
CA GLU A 653 -14.70 -27.42 4.48
C GLU A 653 -15.04 -27.36 5.94
N ARG A 654 -14.23 -26.64 6.71
CA ARG A 654 -14.43 -26.58 8.16
C ARG A 654 -15.58 -25.69 8.58
N TYR A 655 -15.87 -24.65 7.77
CA TYR A 655 -16.77 -23.58 8.19
C TYR A 655 -17.96 -23.27 7.29
N TYR A 656 -17.81 -23.50 5.98
CA TYR A 656 -18.80 -23.05 4.99
C TYR A 656 -19.39 -24.15 4.11
N PRO A 657 -20.61 -23.95 3.61
CA PRO A 657 -21.14 -25.05 2.80
C PRO A 657 -20.16 -25.32 1.66
N THR A 658 -20.04 -26.58 1.24
CA THR A 658 -19.05 -27.00 0.25
C THR A 658 -19.75 -27.21 -1.07
N PRO A 659 -19.52 -26.33 -2.04
CA PRO A 659 -20.35 -26.49 -3.23
C PRO A 659 -20.21 -27.84 -3.94
N ASP A 660 -21.26 -28.25 -4.66
CA ASP A 660 -21.23 -29.44 -5.49
C ASP A 660 -22.11 -29.22 -6.72
N LYS A 661 -21.77 -28.21 -7.49
CA LYS A 661 -22.57 -27.76 -8.63
C LYS A 661 -22.34 -28.62 -9.85
N THR A 662 -23.43 -28.94 -10.54
CA THR A 662 -23.42 -29.86 -11.64
C THR A 662 -22.70 -29.23 -12.85
N ASP A 663 -22.95 -27.97 -13.13
CA ASP A 663 -22.19 -27.22 -14.14
C ASP A 663 -20.77 -26.92 -13.55
N PRO A 664 -19.71 -27.49 -14.15
CA PRO A 664 -18.34 -27.35 -13.59
C PRO A 664 -17.87 -25.89 -13.45
N VAL A 665 -18.37 -25.04 -14.33
CA VAL A 665 -18.10 -23.60 -14.28
C VAL A 665 -18.74 -22.93 -13.07
N ALA A 666 -19.98 -23.28 -12.75
CA ALA A 666 -20.67 -22.75 -11.64
C ALA A 666 -20.02 -23.34 -10.36
N ASN A 667 -19.52 -24.56 -10.47
CA ASN A 667 -18.86 -25.21 -9.32
C ASN A 667 -17.55 -24.50 -8.91
N PHE A 668 -16.77 -24.16 -9.92
CA PHE A 668 -15.54 -23.38 -9.76
C PHE A 668 -15.90 -21.99 -9.22
N SER A 669 -16.80 -21.27 -9.91
CA SER A 669 -17.18 -19.98 -9.43
C SER A 669 -17.62 -19.98 -7.96
N SER A 670 -18.39 -21.00 -7.61
CA SER A 670 -18.97 -21.11 -6.27
C SER A 670 -17.94 -21.47 -5.22
N TRP A 671 -16.99 -22.33 -5.58
CA TRP A 671 -15.86 -22.63 -4.68
C TRP A 671 -15.01 -21.36 -4.51
N CYS A 672 -14.76 -20.60 -5.57
CA CYS A 672 -14.03 -19.35 -5.41
C CYS A 672 -14.67 -18.38 -4.37
N HIS A 673 -16.00 -18.33 -4.34
CA HIS A 673 -16.74 -17.41 -3.48
C HIS A 673 -16.71 -17.88 -2.03
N ALA A 674 -16.80 -19.19 -1.79
CA ALA A 674 -16.66 -19.71 -0.39
C ALA A 674 -15.33 -19.37 0.27
N THR A 675 -14.23 -19.46 -0.49
CA THR A 675 -12.90 -19.08 0.02
C THR A 675 -12.91 -17.63 0.41
N GLN A 676 -13.64 -16.78 -0.35
CA GLN A 676 -13.74 -15.37 -0.03
C GLN A 676 -14.56 -15.10 1.23
N LEU A 677 -15.55 -15.94 1.50
CA LEU A 677 -16.39 -15.76 2.67
C LEU A 677 -15.57 -16.02 3.91
N PHE A 678 -14.72 -17.03 3.82
CA PHE A 678 -13.90 -17.42 4.99
C PHE A 678 -12.90 -16.27 5.27
N GLN A 679 -12.24 -15.77 4.22
CA GLN A 679 -11.28 -14.66 4.37
C GLN A 679 -11.95 -13.42 4.95
N ALA A 680 -13.13 -13.03 4.43
CA ALA A 680 -13.84 -11.84 4.94
C ALA A 680 -14.12 -11.98 6.44
N ASP A 681 -14.68 -13.12 6.80
CA ASP A 681 -15.13 -13.34 8.16
C ASP A 681 -13.93 -13.38 9.11
N MET A 682 -12.84 -14.02 8.69
CA MET A 682 -11.61 -14.02 9.49
C MET A 682 -11.03 -12.60 9.68
N TYR A 683 -11.01 -11.78 8.63
CA TYR A 683 -10.46 -10.44 8.77
C TYR A 683 -11.32 -9.61 9.72
N LYS A 684 -12.65 -9.73 9.56
CA LYS A 684 -13.63 -9.09 10.46
C LYS A 684 -13.34 -9.48 11.88
N SER A 685 -13.18 -10.77 12.09
CA SER A 685 -12.87 -11.30 13.41
C SER A 685 -11.57 -10.68 14.01
N GLU A 686 -10.56 -10.47 13.16
CA GLU A 686 -9.34 -9.85 13.64
C GLU A 686 -9.52 -8.36 13.81
N ILE A 687 -10.09 -7.67 12.82
CA ILE A 687 -10.20 -6.24 12.93
C ILE A 687 -10.98 -5.76 14.16
N GLN A 688 -12.11 -6.40 14.46
CA GLN A 688 -12.92 -6.00 15.61
C GLN A 688 -12.15 -6.26 16.92
N PHE A 689 -11.33 -7.30 16.94
CA PHE A 689 -10.48 -7.58 18.11
C PHE A 689 -9.35 -6.55 18.29
N TYR A 690 -8.71 -6.17 17.18
CA TYR A 690 -7.70 -5.11 17.23
C TYR A 690 -8.30 -3.76 17.67
N ARG A 691 -9.46 -3.42 17.11
CA ARG A 691 -10.10 -2.15 17.44
C ARG A 691 -10.57 -2.02 18.87
N ARG A 692 -11.23 -3.05 19.37
CA ARG A 692 -11.59 -3.13 20.82
C ARG A 692 -10.38 -2.93 21.75
N GLY A 693 -9.23 -3.40 21.30
CA GLY A 693 -7.99 -3.22 22.04
C GLY A 693 -7.60 -1.76 22.31
N SER A 694 -8.17 -0.82 21.57
CA SER A 694 -7.98 0.61 21.80
C SER A 694 -8.33 0.99 23.23
N GLY A 695 -9.35 0.33 23.79
CA GLY A 695 -9.78 0.58 25.17
C GLY A 695 -9.29 -0.40 26.22
N LEU A 696 -8.34 -1.28 25.87
CA LEU A 696 -7.76 -2.25 26.84
C LEU A 696 -6.29 -1.87 27.12
N PRO A 697 -5.61 -2.54 28.06
CA PRO A 697 -4.31 -2.01 28.53
C PRO A 697 -3.23 -1.86 27.45
N GLU A 698 -3.34 -2.61 26.36
CA GLU A 698 -2.49 -2.45 25.20
C GLU A 698 -2.69 -1.09 24.49
N ARG A 699 -3.88 -0.54 24.56
CA ARG A 699 -4.21 0.71 23.91
C ARG A 699 -3.80 0.60 22.44
N GLN A 700 -4.41 -0.35 21.78
CA GLN A 700 -4.13 -0.65 20.39
C GLN A 700 -4.62 0.50 19.47
N LEU A 701 -3.81 0.91 18.48
CA LEU A 701 -4.20 2.05 17.64
C LEU A 701 -4.03 1.88 16.13
N GLY A 702 -4.17 0.65 15.59
CA GLY A 702 -4.08 0.48 14.17
C GLY A 702 -4.38 -0.89 13.62
N SER A 703 -5.00 -0.90 12.42
CA SER A 703 -5.27 -2.10 11.68
C SER A 703 -4.97 -1.87 10.23
N LEU A 704 -3.93 -2.55 9.73
CA LEU A 704 -3.63 -2.57 8.27
C LEU A 704 -3.61 -4.00 7.78
N TYR A 705 -4.69 -4.44 7.19
CA TYR A 705 -4.73 -5.83 6.74
C TYR A 705 -3.80 -6.11 5.54
N TRP A 706 -3.39 -7.36 5.47
CA TRP A 706 -2.58 -7.86 4.34
C TRP A 706 -3.54 -8.60 3.40
N GLN A 707 -3.78 -8.15 2.16
CA GLN A 707 -3.17 -7.03 1.48
C GLN A 707 -4.31 -6.35 0.74
N LEU A 708 -4.11 -5.09 0.36
CA LEU A 708 -5.19 -4.36 -0.27
C LEU A 708 -5.48 -5.00 -1.59
N ASN A 709 -4.42 -5.19 -2.38
CA ASN A 709 -4.61 -5.32 -3.84
C ASN A 709 -3.76 -6.41 -4.50
N ASP A 710 -4.08 -6.71 -5.77
CA ASP A 710 -3.44 -7.79 -6.55
C ASP A 710 -2.61 -7.24 -7.71
N ILE A 711 -1.48 -7.91 -7.98
CA ILE A 711 -0.62 -7.59 -9.12
C ILE A 711 -0.99 -8.37 -10.39
N TRP A 712 -1.76 -9.44 -10.23
CA TRP A 712 -2.25 -10.27 -11.34
C TRP A 712 -3.38 -11.20 -10.86
N GLN A 713 -3.84 -12.08 -11.72
CA GLN A 713 -5.00 -12.92 -11.44
C GLN A 713 -4.60 -14.24 -10.80
N ALA A 714 -4.80 -14.38 -9.50
CA ALA A 714 -4.24 -15.49 -8.81
C ALA A 714 -4.77 -15.53 -7.40
N PRO A 715 -4.73 -16.69 -6.76
CA PRO A 715 -5.20 -16.72 -5.37
C PRO A 715 -4.22 -16.04 -4.45
N THR A 716 -4.68 -15.00 -3.75
CA THR A 716 -3.83 -14.25 -2.80
C THR A 716 -4.55 -13.70 -1.58
N TRP A 717 -3.86 -12.88 -0.83
CA TRP A 717 -4.44 -12.18 0.33
C TRP A 717 -5.21 -10.87 -0.05
N ALA A 718 -5.29 -10.54 -1.34
CA ALA A 718 -5.89 -9.30 -1.77
C ALA A 718 -7.37 -9.21 -1.44
N GLY A 719 -7.85 -7.98 -1.21
CA GLY A 719 -9.25 -7.68 -1.13
C GLY A 719 -9.73 -7.11 -2.48
N LEU A 720 -8.83 -6.54 -3.24
CA LEU A 720 -9.17 -5.95 -4.58
C LEU A 720 -8.36 -6.70 -5.61
N GLU A 721 -9.06 -7.19 -6.63
CA GLU A 721 -8.49 -8.04 -7.64
C GLU A 721 -7.83 -7.11 -8.71
N TYR A 722 -7.07 -7.72 -9.62
CA TYR A 722 -6.18 -7.02 -10.49
C TYR A 722 -6.85 -5.83 -11.16
N ASP A 723 -8.11 -6.02 -11.54
CA ASP A 723 -8.79 -5.00 -12.39
C ASP A 723 -9.55 -4.03 -11.48
N GLY A 724 -9.49 -4.33 -10.18
CA GLY A 724 -10.16 -3.52 -9.19
C GLY A 724 -11.39 -4.13 -8.54
N ARG A 725 -11.86 -5.30 -9.03
CA ARG A 725 -13.13 -5.89 -8.58
C ARG A 725 -12.96 -6.21 -7.10
N TRP A 726 -13.98 -5.91 -6.34
CA TRP A 726 -14.07 -6.24 -4.92
C TRP A 726 -14.37 -7.72 -4.67
N LYS A 727 -13.56 -8.34 -3.83
CA LYS A 727 -13.89 -9.59 -3.19
C LYS A 727 -14.96 -9.30 -2.15
N VAL A 728 -15.32 -10.34 -1.39
CA VAL A 728 -16.18 -10.19 -0.24
C VAL A 728 -15.48 -9.36 0.84
N LEU A 729 -14.15 -9.52 1.00
CA LEU A 729 -13.40 -8.85 2.07
C LEU A 729 -13.63 -7.33 2.25
N PRO A 730 -13.47 -6.56 1.19
CA PRO A 730 -13.58 -5.10 1.33
C PRO A 730 -14.95 -4.62 1.73
N TYR A 731 -16.02 -5.36 1.38
CA TYR A 731 -17.39 -5.05 1.82
C TYR A 731 -17.51 -5.23 3.31
N VAL A 732 -16.94 -6.30 3.83
CA VAL A 732 -16.91 -6.57 5.30
C VAL A 732 -16.01 -5.66 6.16
N SER A 733 -14.78 -5.42 5.69
CA SER A 733 -13.87 -4.47 6.30
C SER A 733 -14.40 -3.03 6.27
N ARG A 734 -15.09 -2.63 5.18
CA ARG A 734 -15.77 -1.31 5.18
C ARG A 734 -16.65 -1.12 6.39
N ARG A 735 -17.49 -2.13 6.69
CA ARG A 735 -18.41 -2.05 7.80
C ARG A 735 -17.62 -2.08 9.08
N THR A 736 -16.60 -2.92 9.08
CA THR A 736 -15.83 -3.12 10.31
C THR A 736 -14.83 -1.96 10.55
N TYR A 737 -14.59 -1.12 9.54
CA TYR A 737 -13.80 0.10 9.69
C TYR A 737 -14.69 1.37 9.86
N GLU A 738 -15.99 1.19 10.08
CA GLU A 738 -16.85 2.33 10.33
C GLU A 738 -16.47 2.99 11.68
N HIS A 739 -16.80 4.28 11.80
CA HIS A 739 -16.40 5.06 12.99
C HIS A 739 -16.88 4.44 14.29
N VAL A 740 -18.14 3.99 14.32
CA VAL A 740 -18.76 3.38 15.50
C VAL A 740 -19.37 2.02 15.08
N ILE A 741 -18.90 0.95 15.71
CA ILE A 741 -19.33 -0.41 15.39
C ILE A 741 -19.74 -1.16 16.64
N ALA A 742 -20.68 -2.08 16.46
CA ALA A 742 -21.07 -3.08 17.47
C ALA A 742 -20.54 -4.41 17.00
N SER A 743 -19.82 -5.11 17.86
CA SER A 743 -19.05 -6.27 17.46
C SER A 743 -19.39 -7.45 18.34
N ALA A 744 -19.58 -8.63 17.74
CA ALA A 744 -19.94 -9.85 18.47
C ALA A 744 -18.73 -10.74 18.64
N PHE A 745 -18.41 -11.05 19.87
CA PHE A 745 -17.27 -11.90 20.23
C PHE A 745 -17.81 -13.21 20.78
N TRP A 746 -17.48 -14.32 20.12
CA TRP A 746 -18.00 -15.62 20.52
C TRP A 746 -16.88 -16.51 21.03
N ASN A 747 -16.89 -16.76 22.33
CA ASN A 747 -16.03 -17.78 22.88
C ASN A 747 -16.78 -19.08 22.74
N TYR A 748 -16.41 -19.91 21.77
CA TYR A 748 -17.21 -21.08 21.43
C TYR A 748 -16.88 -22.32 22.27
N THR A 749 -15.78 -22.31 23.01
CA THR A 749 -15.50 -23.39 23.98
C THR A 749 -16.33 -23.19 25.26
N ALA A 750 -16.38 -21.95 25.74
CA ALA A 750 -17.23 -21.57 26.88
C ALA A 750 -18.67 -21.24 26.47
N ASN A 751 -18.93 -21.23 25.16
CA ASN A 751 -20.25 -20.90 24.62
C ASN A 751 -20.79 -19.55 25.13
N GLU A 752 -19.89 -18.57 25.26
CA GLU A 752 -20.22 -17.24 25.75
C GLU A 752 -20.22 -16.21 24.63
N LEU A 753 -21.26 -15.39 24.56
CA LEU A 753 -21.32 -14.27 23.63
C LEU A 753 -21.09 -12.94 24.38
N GLU A 754 -20.25 -12.07 23.80
CA GLU A 754 -20.07 -10.69 24.26
C GLU A 754 -20.30 -9.77 23.09
N ILE A 755 -20.98 -8.65 23.32
CA ILE A 755 -21.09 -7.59 22.32
C ILE A 755 -20.49 -6.31 22.89
N TRP A 756 -19.55 -5.75 22.13
CA TRP A 756 -18.87 -4.53 22.50
C TRP A 756 -19.13 -3.47 21.45
N VAL A 757 -19.21 -2.22 21.89
CA VAL A 757 -19.28 -1.09 20.99
C VAL A 757 -17.93 -0.33 21.01
N THR A 758 -17.40 -0.05 19.82
CA THR A 758 -16.08 0.56 19.68
C THR A 758 -16.16 1.75 18.77
N SER A 759 -15.49 2.85 19.12
CA SER A 759 -15.59 4.12 18.39
C SER A 759 -14.22 4.71 18.16
N ASP A 760 -13.95 5.22 16.95
CA ASP A 760 -12.67 5.89 16.72
C ASP A 760 -12.72 7.42 16.78
N LEU A 761 -13.88 7.95 17.17
CA LEU A 761 -14.08 9.39 17.23
C LEU A 761 -13.26 9.98 18.38
N TRP A 762 -12.98 11.27 18.30
CA TRP A 762 -12.11 11.95 19.28
C TRP A 762 -12.91 12.59 20.43
N GLU A 763 -14.15 12.20 20.59
CA GLU A 763 -15.01 12.64 21.69
C GLU A 763 -15.97 11.50 22.04
N PRO A 764 -16.43 11.44 23.30
CA PRO A 764 -17.46 10.47 23.65
C PRO A 764 -18.70 10.57 22.74
N VAL A 765 -19.36 9.43 22.53
CA VAL A 765 -20.67 9.38 21.88
C VAL A 765 -21.59 8.44 22.62
N ALA A 766 -22.89 8.69 22.48
CA ALA A 766 -23.94 7.84 23.01
C ALA A 766 -24.79 7.32 21.86
N GLY A 767 -25.47 6.22 22.09
CA GLY A 767 -26.37 5.66 21.10
C GLY A 767 -27.06 4.42 21.59
N GLU A 768 -27.55 3.62 20.65
CA GLU A 768 -28.28 2.39 21.01
C GLU A 768 -28.01 1.33 19.98
N VAL A 769 -28.16 0.09 20.44
CA VAL A 769 -28.06 -1.07 19.57
C VAL A 769 -29.31 -1.92 19.72
N SER A 770 -29.98 -2.19 18.62
CA SER A 770 -31.12 -3.11 18.63
C SER A 770 -30.61 -4.52 18.40
N LEU A 771 -31.15 -5.47 19.16
CA LEU A 771 -30.71 -6.86 19.18
C LEU A 771 -31.92 -7.76 18.97
N THR A 772 -32.09 -8.24 17.72
CA THR A 772 -33.27 -8.97 17.32
C THR A 772 -32.97 -10.42 16.94
N TRP A 773 -33.46 -11.36 17.75
CA TRP A 773 -33.29 -12.78 17.49
C TRP A 773 -34.48 -13.32 16.67
N VAL A 774 -34.17 -13.87 15.48
CA VAL A 774 -35.17 -14.55 14.66
C VAL A 774 -34.67 -15.94 14.28
N ASP A 775 -35.58 -16.81 13.84
CA ASP A 775 -35.19 -18.08 13.19
C ASP A 775 -34.92 -17.79 11.72
N LEU A 776 -34.49 -18.79 10.95
CA LEU A 776 -34.00 -18.56 9.57
C LEU A 776 -35.11 -18.43 8.52
N LYS A 777 -36.35 -18.53 9.00
CA LYS A 777 -37.53 -18.11 8.25
C LYS A 777 -37.92 -16.65 8.56
N GLY A 778 -37.31 -16.09 9.62
CA GLY A 778 -37.58 -14.69 9.99
C GLY A 778 -38.61 -14.47 11.08
N LYS A 779 -39.14 -15.55 11.64
CA LYS A 779 -40.07 -15.46 12.75
C LYS A 779 -39.31 -15.18 14.05
N PRO A 780 -39.74 -14.18 14.82
CA PRO A 780 -39.01 -13.89 16.06
C PRO A 780 -38.92 -15.11 16.97
N ILE A 781 -37.81 -15.24 17.69
CA ILE A 781 -37.66 -16.29 18.69
C ILE A 781 -38.35 -15.77 19.96
N ALA A 782 -39.02 -16.67 20.68
CA ALA A 782 -39.89 -16.26 21.78
C ALA A 782 -39.10 -15.53 22.87
N ASN A 783 -39.57 -14.35 23.24
CA ASN A 783 -38.95 -13.50 24.26
C ASN A 783 -37.54 -13.04 23.86
N ASN A 784 -37.31 -12.96 22.55
CA ASN A 784 -36.03 -12.55 22.01
C ASN A 784 -34.90 -13.41 22.58
N ALA A 785 -35.15 -14.71 22.70
CA ALA A 785 -34.23 -15.68 23.26
C ALA A 785 -33.69 -15.33 24.65
N GLY A 786 -34.43 -14.52 25.40
CA GLY A 786 -34.05 -14.09 26.74
C GLY A 786 -33.13 -12.88 26.76
N MET A 787 -32.94 -12.25 25.61
CA MET A 787 -32.04 -11.09 25.49
C MET A 787 -32.85 -9.82 25.27
N THR A 788 -32.38 -8.72 25.85
CA THR A 788 -33.00 -7.43 25.65
C THR A 788 -33.10 -7.09 24.16
N LYS A 789 -34.21 -6.46 23.77
CA LYS A 789 -34.44 -6.06 22.38
C LYS A 789 -33.59 -4.88 21.98
N SER A 790 -33.14 -4.12 22.97
CA SER A 790 -32.42 -2.89 22.72
C SER A 790 -31.63 -2.49 23.95
N THR A 791 -30.52 -1.79 23.72
CA THR A 791 -29.74 -1.26 24.82
C THR A 791 -29.00 0.01 24.41
N LYS A 792 -28.93 0.97 25.33
CA LYS A 792 -28.19 2.21 25.14
C LYS A 792 -26.74 2.01 25.55
N PHE A 793 -25.86 2.86 25.03
CA PHE A 793 -24.43 2.82 25.38
C PHE A 793 -23.83 4.22 25.43
N ASN A 794 -22.77 4.34 26.24
CA ASN A 794 -21.86 5.47 26.15
C ASN A 794 -20.46 4.91 25.93
N VAL A 795 -19.73 5.51 25.00
CA VAL A 795 -18.38 5.06 24.69
C VAL A 795 -17.43 6.25 24.61
N GLY A 796 -16.28 6.11 25.27
CA GLY A 796 -15.26 7.15 25.28
C GLY A 796 -14.62 7.43 23.93
N ALA A 797 -13.91 8.53 23.84
CA ALA A 797 -13.14 8.84 22.67
C ALA A 797 -12.09 7.73 22.40
N ILE A 798 -11.95 7.35 21.13
CA ILE A 798 -11.05 6.27 20.71
C ILE A 798 -11.03 5.13 21.75
N ASN A 799 -12.16 4.48 21.93
CA ASN A 799 -12.35 3.58 23.06
C ASN A 799 -13.43 2.53 22.76
N THR A 800 -13.71 1.68 23.74
CA THR A 800 -14.66 0.58 23.57
C THR A 800 -15.49 0.46 24.85
N THR A 801 -16.65 -0.20 24.78
CA THR A 801 -17.46 -0.51 25.98
C THR A 801 -18.23 -1.80 25.81
N GLN A 802 -18.26 -2.64 26.85
CA GLN A 802 -19.01 -3.88 26.77
C GLN A 802 -20.50 -3.68 27.10
N ILE A 803 -21.39 -4.08 26.18
CA ILE A 803 -22.83 -3.81 26.32
C ILE A 803 -23.69 -5.05 26.58
N ILE A 804 -23.19 -6.23 26.21
CA ILE A 804 -23.92 -7.48 26.41
C ILE A 804 -22.93 -8.59 26.80
N THR A 805 -23.32 -9.40 27.77
CA THR A 805 -22.69 -10.69 27.94
C THR A 805 -23.77 -11.74 28.15
N ALA A 806 -23.60 -12.91 27.51
CA ALA A 806 -24.59 -13.98 27.60
C ALA A 806 -24.01 -15.36 27.33
N ASN A 807 -24.25 -16.29 28.25
CA ASN A 807 -23.99 -17.70 27.97
C ASN A 807 -25.15 -18.19 27.12
N ILE A 808 -24.83 -18.74 25.96
CA ILE A 808 -25.87 -19.14 25.01
C ILE A 808 -26.81 -20.23 25.57
N GLN A 809 -26.27 -21.18 26.34
CA GLN A 809 -27.10 -22.22 26.99
C GLN A 809 -27.72 -21.79 28.34
N SER A 810 -26.94 -21.13 29.20
CA SER A 810 -27.38 -20.78 30.57
C SER A 810 -28.29 -19.57 30.65
N ASP A 811 -28.02 -18.54 29.85
CA ASP A 811 -28.72 -17.23 29.94
C ASP A 811 -29.70 -16.97 28.80
N LEU A 812 -29.55 -17.65 27.67
CA LEU A 812 -30.47 -17.46 26.57
C LEU A 812 -31.30 -18.72 26.42
N LYS A 813 -32.43 -18.57 25.76
CA LYS A 813 -33.29 -19.68 25.43
C LYS A 813 -33.49 -19.73 23.90
N ILE A 814 -32.59 -20.43 23.23
CA ILE A 814 -32.69 -20.60 21.79
C ILE A 814 -33.13 -22.04 21.53
N PRO A 815 -34.33 -22.24 20.96
CA PRO A 815 -34.84 -23.61 20.78
C PRO A 815 -33.94 -24.47 19.89
N ASP A 816 -33.43 -23.86 18.81
CA ASP A 816 -32.51 -24.53 17.89
C ASP A 816 -31.43 -23.54 17.39
N THR A 817 -30.19 -23.77 17.82
CA THR A 817 -29.09 -22.88 17.48
C THR A 817 -28.75 -22.93 15.99
N SER A 818 -29.12 -24.00 15.32
CA SER A 818 -28.93 -24.06 13.87
C SER A 818 -30.11 -23.47 13.10
N ASP A 819 -31.05 -22.93 13.84
CA ASP A 819 -32.20 -22.24 13.26
C ASP A 819 -32.35 -20.92 14.03
N ALA A 820 -31.26 -20.14 14.06
CA ALA A 820 -31.23 -18.87 14.80
C ALA A 820 -30.20 -17.89 14.28
N VAL A 821 -30.58 -16.63 14.23
CA VAL A 821 -29.62 -15.57 13.92
C VAL A 821 -30.01 -14.34 14.71
N LEU A 822 -28.98 -13.61 15.15
CA LEU A 822 -29.12 -12.38 15.89
C LEU A 822 -28.73 -11.24 14.98
N VAL A 823 -29.65 -10.31 14.75
CA VAL A 823 -29.41 -9.18 13.88
C VAL A 823 -29.16 -7.97 14.75
N ILE A 824 -28.00 -7.33 14.53
CA ILE A 824 -27.49 -6.24 15.34
C ILE A 824 -27.47 -4.93 14.55
N GLU A 825 -28.15 -3.90 15.04
CA GLU A 825 -28.09 -2.57 14.43
C GLU A 825 -27.80 -1.51 15.47
N LEU A 826 -26.72 -0.77 15.21
CA LEU A 826 -26.26 0.31 16.03
C LEU A 826 -26.61 1.64 15.39
N THR A 827 -27.07 2.59 16.24
CA THR A 827 -27.22 3.99 15.85
C THR A 827 -26.56 4.85 16.92
N ALA A 828 -25.90 5.91 16.48
CA ALA A 828 -25.20 6.82 17.39
C ALA A 828 -25.13 8.20 16.78
N HIS A 829 -24.84 9.16 17.63
CA HIS A 829 -24.80 10.56 17.23
C HIS A 829 -23.54 11.21 17.74
N GLY A 830 -22.89 11.97 16.88
CA GLY A 830 -21.64 12.58 17.24
C GLY A 830 -21.03 13.38 16.11
N LYS A 831 -19.80 13.85 16.32
CA LYS A 831 -19.12 14.71 15.39
C LYS A 831 -17.82 14.06 14.98
N LEU A 832 -17.46 14.19 13.71
CA LEU A 832 -16.13 13.83 13.24
C LEU A 832 -15.14 14.88 13.74
N PRO A 833 -13.86 14.51 13.87
CA PRO A 833 -12.86 15.50 14.28
C PRO A 833 -12.87 16.74 13.41
N ASN A 834 -12.75 17.92 14.05
CA ASN A 834 -12.62 19.21 13.36
C ASN A 834 -13.77 19.57 12.43
N ALA A 835 -14.96 19.02 12.73
CA ALA A 835 -16.15 19.32 11.96
C ALA A 835 -16.50 20.78 12.18
N ALA A 836 -16.79 21.48 11.09
CA ALA A 836 -17.17 22.90 11.18
C ALA A 836 -18.59 23.01 11.73
N SER A 837 -19.53 22.39 11.03
CA SER A 837 -20.96 22.48 11.38
C SER A 837 -21.23 21.93 12.77
N SER A 838 -22.18 22.56 13.46
CA SER A 838 -22.61 22.09 14.77
C SER A 838 -23.59 20.91 14.64
N LYS A 839 -24.20 20.76 13.46
CA LYS A 839 -25.18 19.68 13.21
C LYS A 839 -24.49 18.32 13.32
N THR A 840 -24.91 17.52 14.29
CA THR A 840 -24.24 16.25 14.60
C THR A 840 -24.56 15.17 13.55
N THR A 841 -23.57 14.35 13.26
CA THR A 841 -23.69 13.27 12.29
C THR A 841 -24.37 12.07 12.95
N THR A 842 -25.14 11.34 12.17
CA THR A 842 -25.69 10.07 12.64
C THR A 842 -24.85 8.88 12.09
N PHE A 843 -24.38 8.05 13.01
CA PHE A 843 -23.57 6.87 12.70
C PHE A 843 -24.40 5.58 12.84
N THR A 844 -24.41 4.74 11.82
CA THR A 844 -25.13 3.45 11.87
C THR A 844 -24.24 2.30 11.39
N HIS A 845 -24.37 1.17 12.06
CA HIS A 845 -23.59 -0.01 11.77
C HIS A 845 -24.52 -1.23 11.81
N HIS A 846 -24.45 -2.08 10.79
CA HIS A 846 -25.20 -3.33 10.69
C HIS A 846 -24.26 -4.51 10.88
N ASN A 847 -24.74 -5.53 11.54
CA ASN A 847 -23.93 -6.69 11.84
C ASN A 847 -24.87 -7.85 12.19
N HIS A 848 -24.32 -9.04 12.37
CA HIS A 848 -25.08 -10.20 12.81
C HIS A 848 -24.25 -11.18 13.64
N PHE A 849 -24.93 -12.04 14.39
CA PHE A 849 -24.28 -13.13 15.10
C PHE A 849 -25.01 -14.44 14.87
N LEU A 850 -24.27 -15.42 14.37
CA LEU A 850 -24.78 -16.73 14.13
C LEU A 850 -24.18 -17.67 15.18
N PRO A 851 -25.03 -18.32 15.99
CA PRO A 851 -24.58 -19.17 17.11
C PRO A 851 -24.07 -20.55 16.70
N VAL A 852 -24.02 -20.81 15.39
CA VAL A 852 -23.28 -21.95 14.85
C VAL A 852 -22.42 -21.46 13.68
N TRP A 853 -21.58 -22.36 13.14
CA TRP A 853 -20.77 -22.02 11.97
C TRP A 853 -21.69 -21.93 10.77
N PRO A 854 -21.31 -21.14 9.77
CA PRO A 854 -22.19 -21.02 8.61
C PRO A 854 -22.61 -22.37 8.03
N ASN A 855 -21.71 -23.37 8.00
CA ASN A 855 -22.07 -24.69 7.47
C ASN A 855 -23.08 -25.49 8.26
N GLN A 856 -23.42 -25.02 9.46
CA GLN A 856 -24.37 -25.70 10.31
C GLN A 856 -25.75 -25.04 10.29
N ALA A 857 -25.85 -23.84 9.70
CA ALA A 857 -27.09 -23.08 9.69
C ALA A 857 -28.09 -23.72 8.75
N LYS A 858 -29.30 -23.94 9.27
CA LYS A 858 -30.37 -24.53 8.46
C LYS A 858 -31.10 -23.52 7.55
N VAL A 859 -30.37 -22.93 6.60
CA VAL A 859 -30.94 -21.98 5.65
C VAL A 859 -31.87 -22.68 4.64
N SER A 860 -32.89 -21.94 4.23
CA SER A 860 -33.80 -22.42 3.23
C SER A 860 -33.78 -21.39 2.11
N ASP A 861 -34.37 -21.72 0.99
CA ASP A 861 -34.41 -20.77 -0.12
C ASP A 861 -35.14 -19.49 0.33
N PRO A 862 -34.42 -18.37 0.46
CA PRO A 862 -35.03 -17.09 0.79
C PRO A 862 -35.82 -16.46 -0.35
N LYS A 863 -35.76 -17.05 -1.53
CA LYS A 863 -36.49 -16.52 -2.69
C LYS A 863 -36.24 -15.04 -2.87
N LEU A 864 -35.01 -14.69 -3.26
CA LEU A 864 -34.59 -13.32 -3.38
C LEU A 864 -35.18 -12.72 -4.64
N HIS A 865 -35.65 -11.51 -4.54
CA HIS A 865 -36.00 -10.69 -5.71
CA HIS A 865 -36.00 -10.69 -5.73
C HIS A 865 -35.05 -9.41 -5.90
N LEU A 866 -34.76 -9.18 -7.16
CA LEU A 866 -33.81 -8.12 -7.45
C LEU A 866 -34.36 -7.31 -8.59
N SER A 867 -34.28 -5.99 -8.46
CA SER A 867 -34.73 -5.09 -9.52
C SER A 867 -33.88 -3.86 -9.50
N TYR A 868 -33.89 -3.13 -10.60
CA TYR A 868 -33.14 -1.90 -10.70
C TYR A 868 -34.03 -0.73 -11.08
N ASN A 869 -33.77 0.42 -10.44
CA ASN A 869 -34.55 1.63 -10.69
C ASN A 869 -33.64 2.63 -11.35
N LYS A 870 -33.92 2.95 -12.60
CA LYS A 870 -33.04 3.80 -13.39
C LYS A 870 -33.07 5.27 -12.98
N SER A 871 -34.11 5.69 -12.32
CA SER A 871 -34.19 7.07 -11.85
C SER A 871 -33.39 7.22 -10.57
N THR A 872 -33.63 6.33 -9.62
CA THR A 872 -32.95 6.40 -8.33
C THR A 872 -31.55 5.81 -8.36
N LYS A 873 -31.26 5.06 -9.43
CA LYS A 873 -30.01 4.30 -9.59
C LYS A 873 -29.73 3.35 -8.42
N LYS A 874 -30.79 2.82 -7.85
CA LYS A 874 -30.69 1.87 -6.77
C LYS A 874 -31.18 0.49 -7.26
N PHE A 875 -30.55 -0.56 -6.70
CA PHE A 875 -31.04 -1.91 -6.81
C PHE A 875 -31.88 -2.13 -5.57
N THR A 876 -33.04 -2.76 -5.74
CA THR A 876 -33.79 -3.20 -4.59
C THR A 876 -33.65 -4.73 -4.49
N VAL A 877 -33.32 -5.19 -3.29
CA VAL A 877 -33.10 -6.58 -2.96
C VAL A 877 -34.10 -6.98 -1.89
N GLU A 878 -34.85 -8.06 -2.12
CA GLU A 878 -35.85 -8.49 -1.16
C GLU A 878 -35.83 -9.99 -0.90
N ALA A 879 -35.72 -10.39 0.36
CA ALA A 879 -35.90 -11.78 0.72
C ALA A 879 -37.41 -12.02 0.94
N THR A 880 -38.00 -12.89 0.12
CA THR A 880 -39.46 -13.10 0.06
C THR A 880 -39.95 -14.24 0.98
N ALA A 881 -39.13 -15.27 1.20
CA ALA A 881 -39.57 -16.50 1.86
C ALA A 881 -38.91 -16.77 3.20
N GLY A 882 -37.78 -16.12 3.46
CA GLY A 882 -37.07 -16.33 4.71
C GLY A 882 -35.81 -15.49 4.79
N VAL A 883 -35.01 -15.74 5.81
CA VAL A 883 -33.78 -14.99 6.03
C VAL A 883 -32.73 -15.41 5.03
N SER A 884 -32.06 -14.43 4.43
CA SER A 884 -30.94 -14.69 3.56
C SER A 884 -29.64 -14.30 4.23
N LEU A 885 -28.67 -15.21 4.30
CA LEU A 885 -27.36 -14.92 4.87
C LEU A 885 -26.34 -14.69 3.76
N TYR A 886 -25.44 -13.71 3.97
CA TYR A 886 -24.33 -13.44 3.09
C TYR A 886 -24.92 -13.15 1.70
N THR A 887 -25.93 -12.29 1.66
CA THR A 887 -26.54 -11.87 0.37
C THR A 887 -25.51 -11.18 -0.44
N TRP A 888 -25.44 -11.45 -1.77
CA TRP A 888 -24.26 -11.10 -2.52
C TRP A 888 -24.66 -10.73 -3.92
N LEU A 889 -24.38 -9.50 -4.31
CA LEU A 889 -24.59 -9.00 -5.65
C LEU A 889 -23.31 -9.11 -6.40
N THR A 890 -23.39 -9.51 -7.68
CA THR A 890 -22.26 -9.70 -8.47
C THR A 890 -22.51 -8.85 -9.70
N HIS A 891 -21.66 -7.84 -9.94
CA HIS A 891 -21.70 -7.06 -11.21
C HIS A 891 -20.99 -7.82 -12.33
N PRO A 892 -21.38 -7.61 -13.60
CA PRO A 892 -20.78 -8.36 -14.68
C PRO A 892 -19.41 -7.84 -15.07
N ALA A 893 -18.80 -8.57 -15.97
CA ALA A 893 -17.52 -8.23 -16.58
C ALA A 893 -17.41 -6.85 -17.21
N GLY A 894 -18.43 -6.34 -17.87
CA GLY A 894 -18.15 -5.08 -18.65
C GLY A 894 -18.10 -3.75 -17.86
N VAL A 895 -18.08 -3.82 -16.54
CA VAL A 895 -18.22 -2.63 -15.72
C VAL A 895 -17.26 -2.67 -14.54
N LEU A 896 -16.74 -1.47 -14.14
CA LEU A 896 -15.90 -1.34 -12.96
C LEU A 896 -16.58 -0.48 -11.88
N GLY A 897 -16.44 -0.88 -10.60
CA GLY A 897 -17.04 -0.16 -9.52
C GLY A 897 -17.28 -1.02 -8.31
N PHE A 898 -18.21 -0.59 -7.46
CA PHE A 898 -18.54 -1.33 -6.25
C PHE A 898 -19.91 -0.87 -5.72
N PHE A 899 -20.59 -1.79 -5.05
CA PHE A 899 -21.89 -1.53 -4.42
C PHE A 899 -21.68 -0.82 -3.07
N ASP A 900 -22.72 -0.13 -2.60
CA ASP A 900 -22.60 0.59 -1.31
C ASP A 900 -22.74 -0.34 -0.13
N ASP A 901 -23.11 -1.59 -0.42
CA ASP A 901 -23.10 -2.64 0.59
C ASP A 901 -23.15 -3.99 -0.12
N ASN A 902 -22.66 -5.01 0.56
CA ASN A 902 -22.69 -6.37 0.02
C ASN A 902 -22.38 -7.34 1.15
N ALA A 903 -22.69 -8.62 0.92
CA ALA A 903 -22.51 -9.64 1.95
C ALA A 903 -23.22 -9.26 3.23
N PHE A 904 -24.55 -9.13 3.14
CA PHE A 904 -25.36 -8.70 4.27
C PHE A 904 -26.51 -9.69 4.59
N VAL A 905 -27.00 -9.62 5.81
CA VAL A 905 -28.15 -10.37 6.22
C VAL A 905 -29.40 -9.62 5.84
N LEU A 906 -30.38 -10.35 5.34
CA LEU A 906 -31.63 -9.75 4.93
C LEU A 906 -32.77 -10.58 5.47
N ARG A 907 -33.78 -9.93 6.06
CA ARG A 907 -34.96 -10.62 6.60
C ARG A 907 -36.13 -10.32 5.71
N PRO A 908 -37.11 -11.21 5.66
CA PRO A 908 -38.13 -11.07 4.66
C PRO A 908 -39.01 -9.87 4.93
N GLY A 909 -39.52 -9.27 3.86
CA GLY A 909 -40.31 -8.06 3.96
C GLY A 909 -39.46 -6.81 4.03
N GLU A 910 -38.32 -6.88 4.74
CA GLU A 910 -37.33 -5.81 4.77
C GLU A 910 -36.86 -5.59 3.36
N LYS A 911 -36.97 -4.36 2.90
CA LYS A 911 -36.47 -3.99 1.61
C LYS A 911 -35.14 -3.23 1.82
N LYS A 912 -34.11 -3.67 1.10
CA LYS A 912 -32.84 -2.99 1.10
C LYS A 912 -32.59 -2.39 -0.27
N GLU A 913 -32.14 -1.15 -0.26
CA GLU A 913 -31.69 -0.48 -1.45
C GLU A 913 -30.16 -0.47 -1.46
N VAL A 914 -29.59 -0.76 -2.63
CA VAL A 914 -28.12 -0.79 -2.78
C VAL A 914 -27.77 -0.05 -4.04
N GLY A 915 -27.01 1.03 -3.91
CA GLY A 915 -26.45 1.75 -5.08
C GLY A 915 -25.08 1.21 -5.48
N PHE A 916 -24.57 1.70 -6.60
CA PHE A 916 -23.31 1.27 -7.18
C PHE A 916 -22.56 2.52 -7.65
N THR A 917 -21.30 2.61 -7.27
CA THR A 917 -20.40 3.64 -7.80
C THR A 917 -19.84 3.18 -9.15
N LEU A 918 -20.38 3.72 -10.23
CA LEU A 918 -19.99 3.33 -11.56
C LEU A 918 -18.71 4.06 -11.90
N GLN A 919 -17.60 3.34 -12.03
CA GLN A 919 -16.32 3.93 -12.39
C GLN A 919 -16.07 3.85 -13.88
N GLN A 920 -16.47 2.74 -14.50
CA GLN A 920 -16.37 2.64 -15.96
C GLN A 920 -17.38 1.66 -16.48
N ASP A 921 -17.99 1.97 -17.62
CA ASP A 921 -18.97 1.09 -18.24
C ASP A 921 -18.60 0.85 -19.68
N THR A 922 -18.53 -0.40 -20.10
CA THR A 922 -18.32 -0.75 -21.51
C THR A 922 -19.60 -1.30 -22.16
N THR A 923 -20.66 -1.46 -21.38
CA THR A 923 -21.89 -2.18 -21.82
C THR A 923 -23.00 -1.25 -22.26
N GLY A 924 -22.71 0.04 -22.41
CA GLY A 924 -23.71 1.05 -22.78
C GLY A 924 -24.91 1.06 -21.87
N GLY A 925 -24.71 0.84 -20.57
CA GLY A 925 -25.81 0.89 -19.63
C GLY A 925 -26.58 -0.39 -19.41
N LYS A 926 -26.31 -1.45 -20.19
CA LYS A 926 -27.06 -2.71 -20.03
C LYS A 926 -26.57 -3.59 -18.90
N TRP A 927 -25.45 -3.25 -18.29
CA TRP A 927 -24.89 -4.03 -17.17
C TRP A 927 -25.82 -4.27 -16.00
N THR A 928 -26.75 -3.33 -15.78
CA THR A 928 -27.71 -3.41 -14.66
C THR A 928 -28.61 -4.64 -14.77
N GLU A 929 -28.97 -4.98 -16.00
CA GLU A 929 -29.74 -6.18 -16.32
C GLU A 929 -28.97 -7.48 -16.13
N GLN A 930 -27.64 -7.41 -16.08
CA GLN A 930 -26.80 -8.61 -15.96
C GLN A 930 -26.36 -8.79 -14.53
N VAL A 931 -26.72 -7.87 -13.64
CA VAL A 931 -26.33 -8.05 -12.22
C VAL A 931 -27.13 -9.20 -11.67
N THR A 932 -26.56 -9.99 -10.73
CA THR A 932 -27.26 -11.12 -10.16
C THR A 932 -27.14 -11.00 -8.64
N VAL A 933 -28.01 -11.69 -7.94
CA VAL A 933 -27.95 -11.75 -6.44
C VAL A 933 -27.99 -13.20 -5.97
N GLU A 934 -27.39 -13.50 -4.81
CA GLU A 934 -27.38 -14.86 -4.36
C GLU A 934 -27.16 -14.77 -2.88
N SER A 935 -27.19 -15.93 -2.23
CA SER A 935 -26.90 -16.02 -0.77
C SER A 935 -26.20 -17.32 -0.41
N LEU A 936 -25.95 -17.50 0.88
CA LEU A 936 -25.35 -18.72 1.31
C LEU A 936 -26.08 -19.94 0.82
N TRP A 937 -27.41 -19.88 0.81
CA TRP A 937 -28.24 -20.99 0.34
C TRP A 937 -27.79 -21.51 -1.01
N ASP A 938 -27.36 -20.61 -1.87
CA ASP A 938 -27.06 -21.00 -3.25
C ASP A 938 -25.76 -21.83 -3.36
N LEU A 939 -24.89 -21.78 -2.35
CA LEU A 939 -23.69 -22.63 -2.33
C LEU A 939 -24.06 -24.12 -2.24
N THR A 940 -25.26 -24.41 -1.75
CA THR A 940 -25.66 -25.75 -1.32
C THR A 940 -26.52 -26.47 -2.37
N THR A 941 -26.95 -25.77 -3.43
CA THR A 941 -27.79 -26.34 -4.46
C THR A 941 -26.97 -26.94 -5.63
N PRO A 942 -27.55 -27.87 -6.38
CA PRO A 942 -26.81 -28.44 -7.49
C PRO A 942 -26.80 -27.46 -8.64
C1 NAG B . -7.26 -29.53 -4.48
C2 NAG B . -8.41 -29.98 -3.60
C3 NAG B . -7.97 -30.40 -2.20
C4 NAG B . -6.77 -31.35 -2.20
C5 NAG B . -5.73 -30.74 -3.08
C6 NAG B . -4.47 -31.60 -3.19
C7 NAG B . -10.56 -28.89 -4.05
C8 NAG B . -11.50 -27.77 -3.73
N2 NAG B . -9.39 -28.90 -3.44
O3 NAG B . -9.05 -31.01 -1.53
O4 NAG B . -6.20 -31.48 -0.92
O5 NAG B . -6.24 -30.52 -4.38
O6 NAG B . -4.79 -32.88 -3.71
O7 NAG B . -10.91 -29.77 -4.85
C1 NAG B . -6.73 -32.56 -0.14
C2 NAG B . -5.66 -32.93 0.89
C3 NAG B . -6.15 -33.95 1.88
C4 NAG B . -7.46 -33.49 2.50
C5 NAG B . -8.45 -33.19 1.39
C6 NAG B . -9.75 -32.65 1.98
C7 NAG B . -3.27 -33.00 0.36
C8 NAG B . -2.20 -33.66 -0.49
N2 NAG B . -4.51 -33.47 0.19
O3 NAG B . -5.19 -34.05 2.90
O4 NAG B . -7.96 -34.49 3.35
O5 NAG B . -7.93 -32.20 0.52
O6 NAG B . -10.55 -32.18 0.91
O7 NAG B . -2.95 -32.13 1.16
C1 BMA B . -8.23 -33.97 4.66
C2 BMA B . -9.10 -34.95 5.45
C3 BMA B . -9.38 -34.41 6.85
C4 BMA B . -8.08 -34.02 7.54
C5 BMA B . -7.24 -33.11 6.62
C6 BMA B . -5.91 -32.75 7.26
O2 BMA B . -8.39 -36.17 5.54
O3 BMA B . -10.13 -35.30 7.66
O4 BMA B . -8.37 -33.34 8.76
O5 BMA B . -7.02 -33.72 5.35
O6 BMA B . -5.15 -33.93 7.36
C1 NAG C . 24.06 -6.22 -21.57
C2 NAG C . 25.34 -6.00 -22.42
C3 NAG C . 26.53 -5.71 -21.52
C4 NAG C . 26.23 -4.64 -20.48
C5 NAG C . 24.87 -4.89 -19.78
C6 NAG C . 24.45 -3.71 -18.86
C7 NAG C . 25.36 -7.15 -24.55
C8 NAG C . 25.67 -8.37 -25.37
N2 NAG C . 25.63 -7.16 -23.25
O3 NAG C . 27.62 -5.31 -22.34
O4 NAG C . 27.27 -4.66 -19.51
O5 NAG C . 23.84 -5.12 -20.72
O6 NAG C . 24.06 -2.57 -19.61
O7 NAG C . 24.85 -6.19 -25.10
C1 NAG C . 27.92 -3.36 -19.43
C2 NAG C . 28.67 -3.24 -18.10
C3 NAG C . 29.40 -1.89 -17.98
C4 NAG C . 30.21 -1.60 -19.24
C5 NAG C . 29.32 -1.78 -20.48
C6 NAG C . 30.10 -1.53 -21.76
C7 NAG C . 27.60 -4.39 -16.19
C8 NAG C . 28.33 -5.64 -16.44
N2 NAG C . 27.77 -3.35 -16.98
O3 NAG C . 30.20 -1.87 -16.83
O4 NAG C . 30.65 -0.25 -19.14
O5 NAG C . 28.82 -3.10 -20.51
O6 NAG C . 31.03 -2.56 -21.84
O7 NAG C . 26.77 -4.34 -15.26
C1 BMA C . 32.09 -0.15 -19.29
C2 BMA C . 32.43 1.32 -19.48
C3 BMA C . 33.94 1.51 -19.69
C4 BMA C . 34.70 0.78 -18.60
C5 BMA C . 34.21 -0.67 -18.43
C6 BMA C . 34.85 -1.35 -17.24
O2 BMA C . 32.01 2.04 -18.34
O3 BMA C . 34.31 2.85 -19.53
O4 BMA C . 36.04 0.83 -18.96
O5 BMA C . 32.82 -0.66 -18.18
O6 BMA C . 34.80 -2.73 -17.51
C1 MAN C . 34.97 -3.49 -16.29
C2 MAN C . 35.27 -4.95 -16.62
C3 MAN C . 34.06 -5.56 -17.33
C4 MAN C . 32.87 -5.55 -16.36
C5 MAN C . 32.72 -4.21 -15.58
C6 MAN C . 32.30 -4.51 -14.15
O2 MAN C . 35.56 -5.64 -15.41
O3 MAN C . 34.34 -6.87 -17.77
O4 MAN C . 31.67 -5.86 -17.03
O5 MAN C . 33.86 -3.36 -15.43
O6 MAN C . 30.92 -4.69 -14.19
C1 MAN C . 30.23 -4.90 -12.93
C2 MAN C . 31.05 -5.22 -11.66
C3 MAN C . 31.60 -6.65 -11.62
C4 MAN C . 30.51 -7.66 -12.00
C5 MAN C . 29.84 -7.21 -13.29
C6 MAN C . 28.71 -8.15 -13.69
O2 MAN C . 30.11 -5.12 -10.60
O3 MAN C . 32.04 -6.98 -10.32
O4 MAN C . 31.02 -8.97 -12.10
O5 MAN C . 29.30 -5.93 -13.10
O6 MAN C . 28.45 -7.92 -15.05
C1 MAN C . 30.36 -4.08 -9.65
C2 MAN C . 29.47 -4.39 -8.45
C3 MAN C . 28.00 -4.11 -8.81
C4 MAN C . 27.85 -2.69 -9.36
C5 MAN C . 28.79 -2.50 -10.56
C6 MAN C . 28.76 -1.10 -11.15
O2 MAN C . 29.83 -3.59 -7.34
O3 MAN C . 27.22 -4.28 -7.65
O4 MAN C . 26.52 -2.45 -9.75
O5 MAN C . 30.12 -2.78 -10.15
O6 MAN C . 29.41 -1.06 -12.40
C1 MAN C . 33.85 3.68 -20.61
C2 MAN C . 34.96 4.67 -20.97
C3 MAN C . 35.19 5.61 -19.80
C4 MAN C . 33.86 6.29 -19.48
C5 MAN C . 32.77 5.26 -19.21
C6 MAN C . 31.42 5.91 -18.94
O2 MAN C . 34.54 5.44 -22.08
O3 MAN C . 36.16 6.58 -20.12
O4 MAN C . 34.00 7.09 -18.32
O5 MAN C . 32.66 4.38 -20.30
O6 MAN C . 30.56 4.88 -18.54
C1 MAN C . 35.42 5.27 -23.17
C2 MAN C . 35.05 6.35 -24.19
C3 MAN C . 33.73 6.02 -24.87
C4 MAN C . 33.77 4.60 -25.44
C5 MAN C . 34.09 3.61 -24.31
C6 MAN C . 34.16 2.17 -24.80
O2 MAN C . 36.09 6.48 -25.16
O3 MAN C . 33.42 6.97 -25.86
O4 MAN C . 32.54 4.29 -26.07
O5 MAN C . 35.33 3.95 -23.69
O6 MAN C . 34.50 1.32 -23.71
C1 NAG D . 19.82 -4.94 23.78
C2 NAG D . 20.40 -6.06 22.91
C3 NAG D . 21.85 -5.80 22.49
C4 NAG D . 21.97 -4.40 21.91
C5 NAG D . 21.38 -3.37 22.87
C6 NAG D . 21.36 -1.97 22.28
C7 NAG D . 19.30 -8.19 23.38
C8 NAG D . 19.29 -9.43 24.25
N2 NAG D . 20.27 -7.31 23.63
O3 NAG D . 22.21 -6.80 21.56
O4 NAG D . 23.32 -4.03 21.67
O5 NAG D . 20.03 -3.70 23.12
O6 NAG D . 20.73 -1.98 21.03
O7 NAG D . 18.45 -8.04 22.49
C1 NAG D . 23.77 -4.50 20.39
C2 NAG D . 24.57 -3.42 19.69
C3 NAG D . 25.09 -3.95 18.38
C4 NAG D . 25.87 -5.25 18.55
C5 NAG D . 24.93 -6.20 19.30
C6 NAG D . 25.45 -7.61 19.49
C7 NAG D . 23.90 -1.09 19.97
C8 NAG D . 23.03 0.02 19.55
N2 NAG D . 23.76 -2.26 19.37
O3 NAG D . 25.81 -2.95 17.71
O4 NAG D . 26.14 -5.77 17.27
O5 NAG D . 24.56 -5.65 20.54
O6 NAG D . 26.77 -7.45 19.88
O7 NAG D . 24.68 -0.89 20.88
C1 BMA D . 27.53 -5.93 16.88
C2 BMA D . 28.15 -4.63 16.36
C3 BMA D . 29.56 -4.89 15.80
C4 BMA D . 30.37 -5.68 16.83
C5 BMA D . 29.63 -6.88 17.39
C6 BMA D . 30.41 -7.64 18.45
O2 BMA D . 28.28 -3.67 17.42
O3 BMA D . 30.27 -3.66 15.48
O4 BMA D . 31.53 -6.10 16.11
O5 BMA D . 28.35 -6.49 17.92
O6 BMA D . 30.70 -6.79 19.56
C1 MAN D . 30.15 -3.22 14.12
C2 MAN D . 31.28 -2.22 13.85
C3 MAN D . 31.03 -1.02 14.75
C4 MAN D . 29.62 -0.45 14.51
C5 MAN D . 28.55 -1.53 14.65
C6 MAN D . 27.16 -0.99 14.29
O2 MAN D . 31.22 -1.69 12.53
O3 MAN D . 31.96 -0.02 14.41
O4 MAN D . 29.36 0.58 15.42
O5 MAN D . 28.89 -2.62 13.82
O6 MAN D . 27.04 -0.68 12.92
C1 MAN D . 32.03 -2.35 11.56
C2 MAN D . 32.09 -1.41 10.36
C3 MAN D . 30.79 -1.40 9.61
C4 MAN D . 30.34 -2.82 9.29
C5 MAN D . 30.23 -3.59 10.58
C6 MAN D . 29.72 -5.01 10.32
O2 MAN D . 33.13 -1.81 9.48
O3 MAN D . 30.90 -0.68 8.39
O4 MAN D . 29.09 -2.77 8.59
O5 MAN D . 31.51 -3.62 11.21
O6 MAN D . 29.44 -5.67 11.54
C1 MAN D . 31.25 -6.27 21.95
C2 MAN D . 31.55 -7.10 20.70
C3 MAN D . 33.00 -6.67 20.43
C4 MAN D . 33.09 -5.13 20.39
C5 MAN D . 32.67 -4.41 21.70
C6 MAN D . 32.69 -2.88 21.57
O1 MAN D . 31.82 -6.90 23.08
O3 MAN D . 33.45 -7.15 19.19
O4 MAN D . 34.40 -4.78 20.05
O5 MAN D . 31.39 -4.86 22.09
O6 MAN D . 31.93 -2.20 22.56
C1 NAG E . 17.10 22.81 5.18
C2 NAG E . 17.90 22.87 6.48
C3 NAG E . 19.36 22.62 6.18
C4 NAG E . 19.53 21.26 5.47
C5 NAG E . 18.61 21.22 4.25
C6 NAG E . 18.53 19.87 3.53
C7 NAG E . 16.98 24.33 8.22
C8 NAG E . 16.84 25.74 8.73
N2 NAG E . 17.68 24.18 7.10
O3 NAG E . 20.05 22.62 7.41
O4 NAG E . 20.87 21.10 5.03
O5 NAG E . 17.29 21.54 4.61
O6 NAG E . 17.80 20.07 2.34
O7 NAG E . 16.48 23.40 8.85
C1 NAG E . 21.46 19.86 5.41
C2 NAG E . 22.62 19.47 4.47
C3 NAG E . 23.20 18.15 4.91
C4 NAG E . 23.52 18.14 6.38
C5 NAG E . 22.32 18.64 7.20
C6 NAG E . 22.65 18.72 8.69
C7 NAG E . 22.20 20.50 2.29
C8 NAG E . 21.70 20.35 0.89
N2 NAG E . 22.19 19.44 3.10
O3 NAG E . 24.40 17.90 4.22
O4 NAG E . 23.79 16.83 6.84
O5 NAG E . 21.90 19.89 6.74
O6 NAG E . 23.88 19.43 8.88
O7 NAG E . 22.61 21.60 2.65
C1 BMA E . 25.15 16.45 6.93
C2 BMA E . 25.29 15.39 8.01
C3 BMA E . 26.73 14.88 8.07
C4 BMA E . 27.14 14.42 6.69
C5 BMA E . 26.96 15.57 5.73
C6 BMA E . 27.43 15.26 4.32
O2 BMA E . 24.43 14.29 7.71
O3 BMA E . 26.88 13.80 8.99
O4 BMA E . 28.51 14.04 6.68
O5 BMA E . 25.59 15.97 5.68
O6 BMA E . 27.50 16.54 3.69
C1 MAN E . 27.59 14.20 10.15
C2 MAN E . 28.01 12.98 10.96
C3 MAN E . 26.78 12.27 11.56
C4 MAN E . 26.03 13.29 12.43
C5 MAN E . 25.63 14.47 11.53
C6 MAN E . 24.89 15.56 12.27
O2 MAN E . 28.85 13.48 12.01
O3 MAN E . 27.18 11.17 12.38
O4 MAN E . 24.93 12.66 13.12
O5 MAN E . 26.79 15.08 10.96
O6 MAN E . 24.61 16.63 11.36
C1 MAN E . 30.00 12.69 12.29
C2 MAN E . 30.52 13.09 13.64
C3 MAN E . 30.92 14.59 13.56
C4 MAN E . 31.94 14.79 12.48
C5 MAN E . 31.47 14.17 11.17
C6 MAN E . 32.66 14.14 10.20
O2 MAN E . 31.63 12.29 13.93
O3 MAN E . 31.41 15.05 14.78
O4 MAN E . 32.15 16.17 12.30
O5 MAN E . 31.03 12.85 11.35
O6 MAN E . 32.16 13.71 8.97
C1 MAN E . 31.68 11.97 15.33
C2 MAN E . 33.13 11.73 15.72
C3 MAN E . 33.61 10.48 15.01
C4 MAN E . 32.72 9.34 15.50
C5 MAN E . 31.30 9.64 15.04
C6 MAN E . 30.33 8.52 15.46
O2 MAN E . 33.22 11.55 17.13
O3 MAN E . 34.97 10.25 15.29
O4 MAN E . 33.16 8.10 14.99
O5 MAN E . 30.88 10.85 15.65
O6 MAN E . 29.05 9.05 15.74
C1 MAN E . 28.00 16.41 2.37
C2 MAN E . 28.25 17.85 1.93
C3 MAN E . 26.91 18.56 1.93
C4 MAN E . 25.86 17.80 1.09
C5 MAN E . 25.79 16.33 1.43
C6 MAN E . 24.96 15.60 0.37
O2 MAN E . 28.79 17.84 0.62
O3 MAN E . 26.59 19.85 1.85
O4 MAN E . 24.58 18.37 1.25
O5 MAN E . 27.10 15.76 1.51
O6 MAN E . 25.47 15.91 -0.90
C1 MAN E . 26.96 20.96 2.63
C2 MAN E . 26.34 22.29 2.23
C3 MAN E . 27.19 22.84 1.10
C4 MAN E . 28.64 22.89 1.57
C5 MAN E . 29.18 21.58 2.18
C6 MAN E . 30.51 21.80 2.88
O2 MAN E . 26.41 23.17 3.32
O3 MAN E . 26.69 24.08 0.69
O4 MAN E . 29.39 23.23 0.44
O5 MAN E . 28.29 21.03 3.15
O6 MAN E . 31.02 20.57 3.38
C1 MAN E . 25.27 23.10 4.20
C2 MAN E . 25.25 24.40 4.97
C3 MAN E . 26.42 24.51 5.96
C4 MAN E . 26.50 23.27 6.83
C5 MAN E . 26.50 22.01 5.96
C6 MAN E . 26.46 20.77 6.84
O2 MAN E . 24.02 24.41 5.66
O3 MAN E . 26.28 25.60 6.84
O4 MAN E . 27.67 23.33 7.64
O5 MAN E . 25.35 22.04 5.13
O6 MAN E . 26.95 19.63 6.16
C1 MAN E . 24.72 15.34 -1.95
C2 MAN E . 25.45 15.70 -3.22
C3 MAN E . 25.42 17.21 -3.42
C4 MAN E . 23.99 17.75 -3.27
C5 MAN E . 23.26 17.18 -2.07
C6 MAN E . 21.78 17.58 -2.06
O2 MAN E . 24.81 15.08 -4.33
O3 MAN E . 25.89 17.50 -4.72
O4 MAN E . 23.99 19.15 -3.09
O5 MAN E . 23.37 15.79 -2.03
O6 MAN E . 21.11 17.18 -3.24
C1 MAN E . 25.47 13.89 -4.78
C2 MAN E . 24.84 13.46 -6.09
C3 MAN E . 23.40 13.02 -5.84
C4 MAN E . 23.33 11.92 -4.79
C5 MAN E . 24.11 12.36 -3.54
C6 MAN E . 24.27 11.23 -2.53
O2 MAN E . 25.56 12.38 -6.61
O3 MAN E . 22.83 12.59 -7.05
O4 MAN E . 21.97 11.73 -4.43
O5 MAN E . 25.42 12.82 -3.85
O6 MAN E . 24.81 11.76 -1.31
C1 NAG F . 13.38 3.37 27.92
C2 NAG F . 14.52 4.32 28.32
C3 NAG F . 15.82 3.59 28.58
C4 NAG F . 15.58 2.45 29.54
C5 NAG F . 14.47 1.55 28.99
C6 NAG F . 14.12 0.42 29.96
C7 NAG F . 14.14 6.57 27.39
C8 NAG F . 14.40 7.57 26.29
N2 NAG F . 14.73 5.36 27.33
O3 NAG F . 16.69 4.52 29.16
O4 NAG F . 16.77 1.73 29.69
O5 NAG F . 13.33 2.33 28.85
O6 NAG F . 13.27 -0.49 29.30
O7 NAG F . 13.40 6.86 28.31
C1 NAG G . 19.67 -0.03 31.47
C2 NAG G . 18.24 -0.02 30.93
C3 NAG G . 17.74 1.40 30.70
C4 NAG G . 18.04 2.27 31.92
C5 NAG G . 19.41 2.02 32.54
C6 NAG G . 19.55 2.60 33.95
C7 NAG G . 18.59 -0.88 28.58
C8 NAG G . 19.50 0.23 28.08
N2 NAG G . 18.06 -0.94 29.81
O1 NAG G . 20.08 -1.36 31.66
O4 NAG G . 18.01 3.58 31.49
O5 NAG G . 19.66 0.64 32.69
O6 NAG G . 20.67 1.99 34.56
O7 NAG G . 18.30 -1.76 27.79
C1 NAG H . -17.23 -29.45 -7.38
C2 NAG H . -17.39 -30.94 -7.80
C3 NAG H . -16.96 -31.92 -6.73
C4 NAG H . -15.58 -31.55 -6.22
C5 NAG H . -15.60 -30.10 -5.72
C6 NAG H . -14.21 -29.65 -5.21
C7 NAG H . -19.06 -31.62 -9.41
C8 NAG H . -20.49 -31.98 -9.71
N2 NAG H . -18.74 -31.26 -8.18
O3 NAG H . -16.91 -33.21 -7.30
O4 NAG H . -15.23 -32.40 -5.16
O5 NAG H . -15.98 -29.25 -6.77
O6 NAG H . -13.24 -29.80 -6.21
O7 NAG H . -18.23 -31.65 -10.30
C1 NAG I . 17.19 -15.59 -31.86
C2 NAG I . 16.11 -16.67 -31.79
C3 NAG I . 16.31 -17.57 -30.59
C4 NAG I . 17.71 -18.14 -30.57
C5 NAG I . 18.76 -17.04 -30.73
C6 NAG I . 20.12 -17.67 -31.00
C7 NAG I . 14.05 -15.69 -32.70
C8 NAG I . 12.71 -15.10 -32.35
N2 NAG I . 14.79 -16.08 -31.66
O3 NAG I . 15.39 -18.65 -30.62
O4 NAG I . 17.89 -18.82 -29.35
O5 NAG I . 18.48 -16.20 -31.83
O6 NAG I . 20.90 -16.76 -31.76
O7 NAG I . 14.40 -15.79 -33.88
C1 NAG J . 26.31 -17.92 -5.16
C2 NAG J . 25.61 -19.20 -5.56
C3 NAG J . 26.06 -20.43 -4.79
C4 NAG J . 27.60 -20.54 -4.70
C5 NAG J . 28.23 -19.19 -4.37
C6 NAG J . 29.76 -19.27 -4.42
C7 NAG J . 23.37 -19.05 -6.43
C8 NAG J . 21.92 -18.92 -6.07
N2 NAG J . 24.19 -19.06 -5.39
O3 NAG J . 25.55 -21.54 -5.50
O4 NAG J . 27.89 -21.43 -3.63
O5 NAG J . 27.72 -18.15 -5.22
O6 NAG J . 30.29 -18.39 -5.40
O7 NAG J . 23.72 -19.10 -7.63
C1 NAG K . -11.74 4.25 27.98
C2 NAG K . -10.63 5.07 28.64
C3 NAG K . -10.52 4.89 30.17
C4 NAG K . -11.87 4.96 30.85
C5 NAG K . -12.81 4.00 30.11
C6 NAG K . -14.21 4.05 30.70
C7 NAG K . -8.71 5.62 27.24
C8 NAG K . -7.33 5.20 26.82
N2 NAG K . -9.31 4.81 28.10
O3 NAG K . -9.62 5.85 30.71
O4 NAG K . -11.74 4.60 32.21
O5 NAG K . -12.92 4.37 28.75
O6 NAG K . -14.77 2.76 30.49
O7 NAG K . -9.23 6.65 26.79
C1 NAG L . 9.31 -25.18 -1.68
C2 NAG L . 9.25 -25.71 -0.28
C3 NAG L . 10.65 -25.96 0.24
C4 NAG L . 11.38 -26.86 -0.76
C5 NAG L . 11.31 -26.28 -2.17
C6 NAG L . 11.97 -27.15 -3.22
C7 NAG L . 7.63 -25.10 1.47
C8 NAG L . 6.94 -24.00 2.23
N2 NAG L . 8.51 -24.77 0.53
O3 NAG L . 10.56 -26.52 1.55
O4 NAG L . 12.76 -27.04 -0.41
O5 NAG L . 9.95 -26.13 -2.53
O6 NAG L . 11.38 -28.42 -3.19
O7 NAG L . 7.34 -26.26 1.75
CD CD M . -2.99 -6.49 -24.47
CD CD N . -3.22 -15.23 -23.93
CD CD O . 2.07 -16.67 -23.92
CD CD P . 23.47 13.95 22.49
CD CD Q . -20.94 -34.63 -6.33
CD CD R . 2.91 16.72 -7.68
CD CD S . 7.14 15.66 -6.17
CD CD T . -12.92 11.85 0.10
CD CD U . -2.28 7.59 24.43
CD CD V . -5.62 15.17 -8.57
CD CD W . 4.48 -12.42 15.26
CD CD X . 29.26 23.43 -11.79
CD CD Y . -23.50 -10.00 8.44
CD CD Z . -33.87 -3.73 10.41
CD CD AA . -23.77 -15.42 32.32
CD CD BA . 0.25 34.37 16.01
CD CD CA . -9.61 8.70 -18.25
NA NA DA . -13.56 -11.81 26.59
NA NA EA . 27.55 1.18 -8.27
NA NA FA . -13.76 7.80 -9.16
NA NA GA . 29.88 -18.06 9.85
NA NA HA . 32.09 -13.94 14.76
C1 PG4 IA . -2.97 0.30 -24.21
C2 PG4 IA . -2.50 0.22 -22.76
O2 PG4 IA . -2.24 1.54 -22.28
C3 PG4 IA . -1.81 1.65 -20.92
C4 PG4 IA . -1.02 2.96 -20.77
O3 PG4 IA . 0.37 2.66 -20.61
C5 PG4 IA . 1.24 3.56 -21.29
C6 PG4 IA . 2.70 3.16 -21.04
O4 PG4 IA . 3.09 2.01 -21.79
C7 PG4 IA . 3.85 2.28 -22.97
C8 PG4 IA . 4.28 0.98 -23.60
O5 PG4 IA . 3.29 0.49 -24.50
C1 PEG JA . 0.60 9.40 -14.71
O1 PEG JA . 0.00 10.71 -14.80
C2 PEG JA . 0.98 8.89 -16.10
O2 PEG JA . 1.17 7.47 -16.07
C3 PEG JA . 1.53 6.92 -17.35
C4 PEG JA . 0.39 6.13 -17.98
O4 PEG JA . -0.10 6.81 -19.15
CA CA KA . -5.20 -28.42 -17.22
CL CL LA . 6.40 -4.28 34.98
NA NA MA . 6.17 -10.06 17.22
#